data_9L8U
#
_entry.id   9L8U
#
loop_
_entity.id
_entity.type
_entity.pdbx_description
1 polymer 'DNA polymerase'
2 polymer "DNA (5'-D(P*TP*AP*AP*GP*GP*TP*AP*GP*GP*GP*GP*AP*GP*GP*AP*T)-3')"
3 polymer "DNA (5'-D(P*AP*TP*CP*CP*TP*CP*CP*CP*CP*TP*A)-3')"
4 non-polymer "2'-DEOXYCYTIDINE-5'-TRIPHOSPHATE"
5 non-polymer 'MAGNESIUM ION'
#
loop_
_entity_poly.entity_id
_entity_poly.type
_entity_poly.pdbx_seq_one_letter_code
_entity_poly.pdbx_strand_id
1 'polypeptide(L)'
;ISIMDRSEIVARENPVITQRVTNLLQTNAPLLFMPIDIHEVRYGAYTLFMYGSLENGYKAEVRIENIPVFFDVQIEFNDT
NQLFLKSLLTAENIVYERLETLTQRPVMGYREKEKEFAPYIRIFFKSLYERRKAITYLNNMGYNTAADDTTCYYRMVSRE
LKLPLTSWIQLQHYSYEPRGLVHRFSVTPEDLVSYQNDGPTDHSIVMAYDIETYSPVKGTVPDPNQANDVVFMICMRIFW
IHSTEPLASTCITMAPCKKSSEWTTILCSSEKNLLLSFAEQFSRWAPDICTGFNDSRYDWPFIVEKSMQHGILEEIFNKM
SLFWHQKLDTILKCYYVKEKRVKISAEKSIISSFLHTPGCLPIDVRNMCMQLYPKAEKTSLKAFLENCGLDSKVDLPYHL
MWKYYETRDSEKIADVAYYCIIDAQRCQDLLVRHNVIPDRREVGILSYTSLYDCIYYAGGHKVCNMLIAYAIHDEYGRIA
CSTIARGKREHGKYPGAFVIDPVKGLEQDKPTTGLDFASLYPSLIMAYNFSPEKFVASRDEANSLMAKGESLHYVSFHFN
NRLVEGWFVWHNNVPDKMGLYPKVLIDLLNKRTALKQELKKLGEKKECIHESHPGFKELQFRHAMVDAKQKALKIFMNTF
YGEAGNNLSPFFLLPLAGGVTSSGQYNLKLVYNFVINKGYGIKYGDTDSLYITCPDSLYTEVTDAYLNSQKTIKHYEQLC
HEKVLLSMKAMSTLCAEVNEYLRQDNGTSYLRMAYEEVLFPVCFTGKKKYYGIAHVNTPNFNTKELFIRGIDIIKQGQTK
LTKTIGTRIMEESMKLRRPEDHRPPLIEIVKTVLKDAVVNMKQWNFEDFIQTDAWRPDKDNKAVQIFMSRMHARREQLKK
HGAAASQFAEPEPGERFSYVIVEKQVQFDIQGHRTDSSRKGDKMEYVSEAKAKNLPIDILFYINNYVLGLCARFINENEE
FQPPDNVSNKDEYAQRRAKSYLQKFVQSIHPK
;
A
2 'polydeoxyribonucleotide' (DT)(DA)(DA)(DG)(DG)(DT)(DA)(DG)(DG)(DG)(DG)(DA)(DG)(DG)(DA)(DT) B
3 'polydeoxyribonucleotide' (DA)(DT)(DC)(DC)(DT)(DC)(DC)(DC)(DC)(DT)(DA) C
#
# COMPACT_ATOMS: atom_id res chain seq x y z
N ILE A 1 20.43 38.18 -16.33
CA ILE A 1 19.86 36.91 -15.91
C ILE A 1 18.48 37.13 -15.31
N SER A 2 17.46 36.57 -15.96
CA SER A 2 16.07 36.74 -15.52
C SER A 2 15.75 35.63 -14.52
N ILE A 3 15.94 35.92 -13.24
CA ILE A 3 15.59 34.97 -12.18
C ILE A 3 14.11 35.15 -11.88
N MET A 4 13.28 34.36 -12.55
CA MET A 4 11.83 34.50 -12.47
C MET A 4 11.32 33.70 -11.28
N ASP A 5 10.63 34.37 -10.38
CA ASP A 5 10.03 33.69 -9.24
C ASP A 5 8.70 33.08 -9.67
N ARG A 6 7.89 32.68 -8.68
CA ARG A 6 6.64 31.98 -8.99
C ARG A 6 5.68 32.87 -9.78
N SER A 7 5.58 34.14 -9.42
CA SER A 7 4.55 35.00 -10.04
C SER A 7 4.79 35.18 -11.53
N GLU A 8 6.01 35.55 -11.92
CA GLU A 8 6.28 35.76 -13.33
C GLU A 8 6.25 34.44 -14.11
N ILE A 9 6.66 33.34 -13.48
CA ILE A 9 6.59 32.05 -14.16
C ILE A 9 5.14 31.69 -14.46
N VAL A 10 4.25 31.88 -13.49
CA VAL A 10 2.83 31.60 -13.70
C VAL A 10 2.26 32.53 -14.76
N ALA A 11 2.62 33.82 -14.71
CA ALA A 11 2.11 34.78 -15.68
C ALA A 11 2.57 34.43 -17.09
N ARG A 12 3.83 34.03 -17.25
CA ARG A 12 4.35 33.67 -18.56
C ARG A 12 3.71 32.39 -19.09
N GLU A 13 3.62 31.36 -18.25
CA GLU A 13 3.13 30.06 -18.71
C GLU A 13 1.66 30.12 -19.07
N ASN A 14 0.84 30.74 -18.24
CA ASN A 14 -0.62 30.78 -18.42
C ASN A 14 -1.11 32.21 -18.33
N PRO A 15 -0.90 33.01 -19.38
CA PRO A 15 -1.20 34.45 -19.27
C PRO A 15 -2.67 34.76 -19.24
N VAL A 16 -3.50 34.09 -20.04
CA VAL A 16 -4.92 34.45 -20.12
C VAL A 16 -5.63 34.15 -18.80
N ILE A 17 -5.42 32.95 -18.26
CA ILE A 17 -6.04 32.61 -16.99
C ILE A 17 -5.43 33.43 -15.86
N THR A 18 -4.16 33.83 -15.99
CA THR A 18 -3.57 34.74 -15.01
C THR A 18 -4.28 36.08 -15.01
N GLN A 19 -4.57 36.62 -16.20
CA GLN A 19 -5.30 37.88 -16.29
C GLN A 19 -6.70 37.72 -15.71
N ARG A 20 -7.36 36.61 -15.99
CA ARG A 20 -8.70 36.39 -15.44
C ARG A 20 -8.66 36.29 -13.91
N VAL A 21 -7.66 35.58 -13.37
CA VAL A 21 -7.54 35.44 -11.93
C VAL A 21 -7.27 36.81 -11.30
N THR A 22 -6.41 37.62 -11.93
CA THR A 22 -6.12 38.95 -11.41
C THR A 22 -7.37 39.82 -11.42
N ASN A 23 -8.16 39.74 -12.48
CA ASN A 23 -9.40 40.51 -12.53
C ASN A 23 -10.36 40.07 -11.44
N LEU A 24 -10.45 38.76 -11.20
CA LEU A 24 -11.25 38.26 -10.09
C LEU A 24 -10.75 38.82 -8.77
N LEU A 25 -9.43 38.90 -8.60
CA LEU A 25 -8.87 39.43 -7.36
C LEU A 25 -9.24 40.90 -7.16
N GLN A 26 -9.14 41.73 -8.20
CA GLN A 26 -9.59 43.12 -8.05
C GLN A 26 -11.08 43.21 -7.78
N THR A 27 -11.89 42.38 -8.43
CA THR A 27 -13.33 42.41 -8.25
C THR A 27 -13.79 41.65 -7.01
N ASN A 28 -12.87 41.04 -6.26
CA ASN A 28 -13.18 40.26 -5.06
C ASN A 28 -14.16 39.13 -5.36
N ALA A 29 -14.11 38.61 -6.59
CA ALA A 29 -15.01 37.56 -7.02
C ALA A 29 -14.54 36.21 -6.48
N PRO A 30 -15.46 35.26 -6.30
CA PRO A 30 -15.06 33.92 -5.86
C PRO A 30 -14.10 33.28 -6.85
N LEU A 31 -13.14 32.52 -6.31
CA LEU A 31 -12.13 31.92 -7.17
C LEU A 31 -11.75 30.54 -6.65
N LEU A 32 -11.24 29.71 -7.54
CA LEU A 32 -10.89 28.33 -7.21
C LEU A 32 -9.47 28.27 -6.66
N PHE A 33 -9.23 27.26 -5.82
CA PHE A 33 -7.95 27.11 -5.15
C PHE A 33 -7.73 25.64 -4.81
N MET A 34 -6.55 25.12 -5.16
CA MET A 34 -6.19 23.76 -4.82
C MET A 34 -5.24 23.76 -3.63
N PRO A 35 -5.63 23.20 -2.49
CA PRO A 35 -4.72 23.06 -1.36
C PRO A 35 -3.91 21.78 -1.44
N ILE A 36 -2.69 21.85 -0.90
CA ILE A 36 -1.79 20.71 -0.86
C ILE A 36 -1.33 20.49 0.57
N ASP A 37 -0.73 21.51 1.17
CA ASP A 37 -0.16 21.42 2.51
C ASP A 37 -1.09 22.04 3.53
N ILE A 38 -1.27 21.34 4.65
CA ILE A 38 -2.16 21.78 5.73
C ILE A 38 -1.32 21.93 6.99
N HIS A 39 -1.46 23.08 7.65
CA HIS A 39 -0.78 23.33 8.91
C HIS A 39 -1.76 23.90 9.92
N GLU A 40 -1.52 23.59 11.19
CA GLU A 40 -2.41 23.98 12.27
C GLU A 40 -1.63 24.74 13.34
N VAL A 41 -2.34 25.64 14.02
CA VAL A 41 -1.81 26.35 15.18
C VAL A 41 -2.49 25.73 16.40
N ARG A 42 -1.79 24.80 17.05
CA ARG A 42 -2.40 24.04 18.14
C ARG A 42 -2.54 24.88 19.41
N TYR A 43 -1.68 25.87 19.59
CA TYR A 43 -1.70 26.72 20.78
C TYR A 43 -2.33 28.06 20.45
N GLY A 44 -3.10 28.59 21.40
CA GLY A 44 -3.85 29.80 21.17
C GLY A 44 -5.07 29.56 20.31
N ALA A 45 -5.64 30.65 19.81
CA ALA A 45 -6.81 30.54 18.94
C ALA A 45 -6.49 29.68 17.73
N TYR A 46 -7.36 28.72 17.45
CA TYR A 46 -7.09 27.74 16.40
C TYR A 46 -7.34 28.35 15.03
N THR A 47 -6.37 28.16 14.14
CA THR A 47 -6.47 28.62 12.76
C THR A 47 -5.98 27.50 11.85
N LEU A 48 -6.68 27.30 10.74
CA LEU A 48 -6.30 26.27 9.77
C LEU A 48 -5.58 26.93 8.61
N PHE A 49 -4.31 26.57 8.42
CA PHE A 49 -3.47 27.14 7.38
C PHE A 49 -3.40 26.15 6.22
N MET A 50 -4.08 26.48 5.12
CA MET A 50 -3.93 25.73 3.88
C MET A 50 -2.95 26.48 2.97
N TYR A 51 -2.12 25.74 2.27
CA TYR A 51 -1.23 26.31 1.28
C TYR A 51 -1.44 25.60 -0.05
N GLY A 52 -1.48 26.37 -1.12
CA GLY A 52 -1.71 25.75 -2.42
C GLY A 52 -1.60 26.70 -3.58
N SER A 53 -2.29 26.36 -4.67
CA SER A 53 -2.19 27.11 -5.92
C SER A 53 -3.56 27.64 -6.31
N LEU A 54 -3.59 28.87 -6.82
CA LEU A 54 -4.80 29.45 -7.36
C LEU A 54 -5.10 28.79 -8.71
N GLU A 55 -6.14 29.28 -9.39
CA GLU A 55 -6.52 28.68 -10.66
C GLU A 55 -5.43 28.79 -11.70
N ASN A 56 -4.78 29.95 -11.79
CA ASN A 56 -3.69 30.15 -12.74
C ASN A 56 -2.40 29.51 -12.30
N GLY A 57 -2.18 29.39 -10.98
CA GLY A 57 -0.93 28.88 -10.45
C GLY A 57 -0.28 29.74 -9.39
N TYR A 58 -0.88 30.87 -9.03
CA TYR A 58 -0.32 31.71 -7.97
C TYR A 58 -0.32 30.97 -6.65
N LYS A 59 0.80 31.07 -5.93
CA LYS A 59 0.86 30.52 -4.58
C LYS A 59 -0.08 31.29 -3.67
N ALA A 60 -0.87 30.55 -2.88
CA ALA A 60 -1.86 31.16 -2.02
C ALA A 60 -1.88 30.45 -0.67
N GLU A 61 -2.01 31.26 0.38
CA GLU A 61 -2.22 30.75 1.73
C GLU A 61 -3.62 31.16 2.19
N VAL A 62 -4.41 30.17 2.59
CA VAL A 62 -5.77 30.38 3.05
C VAL A 62 -5.79 30.13 4.55
N ARG A 63 -6.19 31.15 5.31
CA ARG A 63 -6.27 31.05 6.77
C ARG A 63 -7.75 30.96 7.14
N ILE A 64 -8.19 29.77 7.53
CA ILE A 64 -9.55 29.59 8.02
C ILE A 64 -9.55 29.88 9.52
N GLU A 65 -10.32 30.88 9.91
CA GLU A 65 -10.45 31.30 11.30
C GLU A 65 -11.86 30.99 11.79
N ASN A 66 -12.03 31.07 13.11
CA ASN A 66 -13.32 30.86 13.77
C ASN A 66 -13.88 29.48 13.49
N ILE A 67 -13.01 28.51 13.21
CA ILE A 67 -13.48 27.12 13.09
C ILE A 67 -13.92 26.62 14.45
N PRO A 68 -15.11 26.05 14.57
CA PRO A 68 -15.53 25.49 15.87
C PRO A 68 -14.64 24.32 16.27
N VAL A 69 -13.84 24.51 17.31
CA VAL A 69 -13.03 23.45 17.89
C VAL A 69 -13.87 22.83 19.00
N PHE A 70 -14.20 21.55 18.85
CA PHE A 70 -15.19 20.94 19.74
C PHE A 70 -14.97 19.45 19.82
N PHE A 71 -15.58 18.86 20.84
CA PHE A 71 -15.74 17.41 20.91
C PHE A 71 -16.92 17.10 21.82
N ASP A 72 -17.63 16.02 21.51
CA ASP A 72 -18.88 15.73 22.20
C ASP A 72 -18.79 14.44 23.00
N VAL A 73 -19.49 14.41 24.14
CA VAL A 73 -19.60 13.24 24.99
C VAL A 73 -21.07 13.02 25.31
N GLN A 74 -21.48 11.77 25.37
CA GLN A 74 -22.89 11.44 25.58
C GLN A 74 -23.19 11.35 27.08
N ILE A 75 -24.10 12.21 27.54
CA ILE A 75 -24.61 12.17 28.91
C ILE A 75 -26.08 12.53 28.85
N GLU A 76 -26.79 12.24 29.94
CA GLU A 76 -28.24 12.40 29.99
C GLU A 76 -28.64 13.86 29.85
N PHE A 77 -29.88 14.07 29.41
CA PHE A 77 -30.45 15.40 29.27
C PHE A 77 -30.97 15.88 30.61
N ASN A 78 -30.24 16.79 31.24
CA ASN A 78 -30.73 17.51 32.40
C ASN A 78 -29.90 18.77 32.56
N ASP A 79 -30.54 19.83 33.06
CA ASP A 79 -29.88 21.14 33.12
C ASP A 79 -28.66 21.14 34.02
N THR A 80 -28.67 20.32 35.08
CA THR A 80 -27.53 20.28 36.00
C THR A 80 -26.31 19.61 35.40
N ASN A 81 -26.47 18.86 34.30
CA ASN A 81 -25.30 18.25 33.66
C ASN A 81 -24.34 19.30 33.13
N GLN A 82 -24.87 20.37 32.54
CA GLN A 82 -24.00 21.44 32.04
C GLN A 82 -23.18 22.05 33.18
N LEU A 83 -23.83 22.33 34.31
CA LEU A 83 -23.12 22.91 35.45
C LEU A 83 -22.11 21.92 36.02
N PHE A 84 -22.46 20.63 36.06
CA PHE A 84 -21.54 19.62 36.56
C PHE A 84 -20.30 19.53 35.68
N LEU A 85 -20.47 19.59 34.36
CA LEU A 85 -19.32 19.58 33.46
C LEU A 85 -18.52 20.87 33.56
N LYS A 86 -19.21 22.00 33.75
CA LYS A 86 -18.51 23.26 34.02
C LYS A 86 -17.58 23.10 35.23
N SER A 87 -18.10 22.55 36.32
CA SER A 87 -17.30 22.35 37.52
C SER A 87 -16.16 21.37 37.27
N LEU A 88 -16.43 20.29 36.54
CA LEU A 88 -15.40 19.30 36.26
C LEU A 88 -14.25 19.90 35.48
N LEU A 89 -14.57 20.67 34.43
CA LEU A 89 -13.53 21.24 33.59
C LEU A 89 -12.79 22.35 34.30
N THR A 90 -13.50 23.19 35.08
CA THR A 90 -12.83 24.25 35.82
C THR A 90 -11.93 23.69 36.92
N ALA A 91 -12.30 22.54 37.50
CA ALA A 91 -11.46 21.91 38.51
C ALA A 91 -10.13 21.46 37.92
N GLU A 92 -10.09 21.16 36.62
CA GLU A 92 -8.88 20.77 35.93
C GLU A 92 -8.22 21.95 35.21
N ASN A 93 -8.54 23.18 35.63
CA ASN A 93 -8.04 24.42 35.04
C ASN A 93 -8.00 24.35 33.50
N ILE A 94 -9.15 23.99 32.93
CA ILE A 94 -9.32 23.88 31.49
C ILE A 94 -10.26 24.98 31.03
N VAL A 95 -9.79 25.83 30.13
CA VAL A 95 -10.58 26.93 29.60
C VAL A 95 -11.35 26.45 28.38
N TYR A 96 -12.65 26.77 28.35
CA TYR A 96 -13.54 26.33 27.30
C TYR A 96 -14.43 27.49 26.88
N GLU A 97 -14.92 27.42 25.64
CA GLU A 97 -15.71 28.51 25.07
C GLU A 97 -17.17 28.46 25.52
N ARG A 98 -17.86 27.36 25.26
CA ARG A 98 -19.29 27.29 25.49
C ARG A 98 -19.71 25.83 25.57
N LEU A 99 -20.99 25.60 25.83
CA LEU A 99 -21.54 24.26 25.90
C LEU A 99 -22.71 24.18 24.93
N GLU A 100 -22.85 23.03 24.27
CA GLU A 100 -24.01 22.79 23.42
C GLU A 100 -24.61 21.43 23.75
N THR A 101 -25.89 21.27 23.43
CA THR A 101 -26.59 20.01 23.63
C THR A 101 -27.28 19.61 22.34
N LEU A 102 -27.23 18.33 22.01
CA LEU A 102 -27.85 17.84 20.78
C LEU A 102 -28.17 16.35 20.97
N THR A 103 -28.72 15.75 19.91
CA THR A 103 -29.02 14.33 19.88
C THR A 103 -28.30 13.69 18.71
N GLN A 104 -27.63 12.57 18.96
CA GLN A 104 -26.89 11.87 17.92
C GLN A 104 -27.12 10.37 18.07
N ARG A 105 -26.82 9.63 17.01
CA ARG A 105 -27.01 8.19 17.01
C ARG A 105 -25.71 7.50 17.36
N PRO A 106 -25.62 6.81 18.50
CA PRO A 106 -24.38 6.09 18.83
C PRO A 106 -24.07 5.03 17.79
N VAL A 107 -22.78 4.84 17.53
CA VAL A 107 -22.36 3.92 16.48
C VAL A 107 -22.38 2.47 16.95
N MET A 108 -22.33 2.22 18.26
CA MET A 108 -22.25 0.87 18.81
C MET A 108 -23.60 0.43 19.35
N GLY A 109 -24.07 -0.72 18.90
CA GLY A 109 -25.30 -1.29 19.39
C GLY A 109 -26.54 -0.89 18.61
N TYR A 110 -27.35 -1.87 18.23
CA TYR A 110 -28.60 -1.57 17.55
C TYR A 110 -29.60 -0.95 18.53
N ARG A 111 -30.43 -0.05 18.01
CA ARG A 111 -31.45 0.62 18.78
C ARG A 111 -32.75 0.64 17.99
N GLU A 112 -33.86 0.74 18.72
CA GLU A 112 -35.18 0.66 18.10
C GLU A 112 -35.43 1.87 17.21
N LYS A 113 -36.51 1.79 16.43
CA LYS A 113 -36.81 2.82 15.44
C LYS A 113 -37.09 4.18 16.06
N GLU A 114 -37.44 4.22 17.34
CA GLU A 114 -37.70 5.48 18.03
C GLU A 114 -36.66 5.77 19.11
N LYS A 115 -35.53 5.07 19.11
CA LYS A 115 -34.51 5.25 20.14
C LYS A 115 -33.10 5.33 19.55
N GLU A 116 -32.97 5.67 18.27
CA GLU A 116 -31.64 5.89 17.71
C GLU A 116 -30.96 7.08 18.38
N PHE A 117 -31.72 8.14 18.63
CA PHE A 117 -31.14 9.38 19.15
C PHE A 117 -30.86 9.24 20.65
N ALA A 118 -29.64 9.64 21.03
CA ALA A 118 -29.18 9.69 22.40
C ALA A 118 -28.57 11.05 22.65
N PRO A 119 -28.70 11.56 23.88
CA PRO A 119 -28.20 12.90 24.17
C PRO A 119 -26.67 12.99 24.09
N TYR A 120 -26.20 14.16 23.68
CA TYR A 120 -24.79 14.47 23.62
C TYR A 120 -24.59 15.93 24.02
N ILE A 121 -23.47 16.21 24.67
CA ILE A 121 -23.05 17.58 24.92
C ILE A 121 -21.75 17.82 24.18
N ARG A 122 -21.66 19.00 23.57
CA ARG A 122 -20.54 19.41 22.74
C ARG A 122 -19.76 20.47 23.50
N ILE A 123 -18.48 20.22 23.68
CA ILE A 123 -17.57 21.07 24.44
C ILE A 123 -16.76 21.84 23.41
N PHE A 124 -16.67 23.17 23.57
CA PHE A 124 -15.95 24.02 22.64
C PHE A 124 -14.71 24.60 23.30
N PHE A 125 -13.67 24.81 22.49
CA PHE A 125 -12.39 25.29 22.96
C PHE A 125 -11.83 26.32 22.01
N LYS A 126 -10.99 27.21 22.53
CA LYS A 126 -10.26 28.15 21.69
C LYS A 126 -9.00 27.53 21.10
N SER A 127 -8.44 26.52 21.78
CA SER A 127 -7.16 25.96 21.38
C SER A 127 -7.27 24.44 21.24
N LEU A 128 -6.39 23.88 20.41
CA LEU A 128 -6.31 22.43 20.28
C LEU A 128 -5.74 21.79 21.54
N TYR A 129 -4.82 22.48 22.22
CA TYR A 129 -4.21 21.91 23.43
C TYR A 129 -5.24 21.71 24.52
N GLU A 130 -6.13 22.70 24.73
CA GLU A 130 -7.16 22.57 25.75
C GLU A 130 -8.12 21.45 25.42
N ARG A 131 -8.51 21.33 24.15
CA ARG A 131 -9.40 20.23 23.74
C ARG A 131 -8.72 18.88 23.96
N ARG A 132 -7.44 18.78 23.62
CA ARG A 132 -6.70 17.54 23.81
C ARG A 132 -6.66 17.15 25.28
N LYS A 133 -6.29 18.08 26.15
CA LYS A 133 -6.19 17.76 27.57
C LYS A 133 -7.56 17.42 28.16
N ALA A 134 -8.61 18.12 27.71
CA ALA A 134 -9.95 17.81 28.19
C ALA A 134 -10.40 16.43 27.74
N ILE A 135 -10.12 16.07 26.48
CA ILE A 135 -10.46 14.73 26.00
C ILE A 135 -9.75 13.67 26.83
N THR A 136 -8.45 13.88 27.07
CA THR A 136 -7.69 12.91 27.85
C THR A 136 -8.25 12.76 29.26
N TYR A 137 -8.53 13.88 29.92
CA TYR A 137 -9.05 13.82 31.29
C TYR A 137 -10.42 13.16 31.33
N LEU A 138 -11.31 13.53 30.40
CA LEU A 138 -12.66 13.00 30.39
C LEU A 138 -12.67 11.51 30.12
N ASN A 139 -11.83 11.05 29.19
CA ASN A 139 -11.79 9.61 28.90
C ASN A 139 -11.08 8.82 30.00
N ASN A 140 -10.09 9.41 30.67
CA ASN A 140 -9.47 8.73 31.81
C ASN A 140 -10.47 8.56 32.94
N MET A 141 -11.31 9.58 33.18
CA MET A 141 -12.32 9.50 34.23
C MET A 141 -13.40 8.50 33.87
N GLY A 142 -13.79 8.42 32.60
CA GLY A 142 -14.63 7.31 32.18
C GLY A 142 -15.82 7.58 31.28
N TYR A 143 -16.06 8.83 30.89
CA TYR A 143 -17.18 9.11 29.99
C TYR A 143 -16.89 8.62 28.59
N ASN A 144 -17.95 8.20 27.90
CA ASN A 144 -17.87 7.80 26.50
C ASN A 144 -17.77 9.06 25.64
N THR A 145 -16.75 9.11 24.79
CA THR A 145 -16.43 10.31 24.03
C THR A 145 -16.43 10.00 22.54
N ALA A 146 -17.01 10.90 21.76
CA ALA A 146 -17.03 10.80 20.31
C ALA A 146 -16.46 12.09 19.71
N ALA A 147 -16.23 12.05 18.40
CA ALA A 147 -15.69 13.20 17.66
C ALA A 147 -14.45 13.77 18.35
N ASP A 148 -13.53 12.87 18.71
CA ASP A 148 -12.41 13.23 19.56
C ASP A 148 -11.06 12.98 18.91
N ASP A 149 -10.89 13.42 17.66
CA ASP A 149 -9.59 13.38 17.02
C ASP A 149 -8.57 14.16 17.85
N THR A 150 -7.61 13.46 18.45
CA THR A 150 -6.61 14.10 19.29
C THR A 150 -5.27 14.30 18.58
N THR A 151 -4.85 13.34 17.76
CA THR A 151 -3.56 13.47 17.09
C THR A 151 -3.56 14.63 16.10
N CYS A 152 -4.71 14.92 15.49
CA CYS A 152 -4.83 16.04 14.58
C CYS A 152 -6.29 16.41 14.46
N TYR A 153 -6.54 17.66 14.09
CA TYR A 153 -7.90 18.18 14.00
C TYR A 153 -8.33 18.54 12.58
N TYR A 154 -7.39 18.65 11.64
CA TYR A 154 -7.77 19.03 10.28
C TYR A 154 -8.58 17.95 9.60
N ARG A 155 -8.38 16.69 9.96
CA ARG A 155 -9.21 15.62 9.41
C ARG A 155 -10.66 15.78 9.86
N MET A 156 -10.86 16.09 11.14
CA MET A 156 -12.21 16.29 11.65
C MET A 156 -12.86 17.50 11.01
N VAL A 157 -12.09 18.58 10.80
CA VAL A 157 -12.62 19.76 10.12
C VAL A 157 -13.02 19.42 8.69
N SER A 158 -12.17 18.65 7.99
CA SER A 158 -12.45 18.30 6.61
C SER A 158 -13.72 17.45 6.50
N ARG A 159 -13.86 16.45 7.37
CA ARG A 159 -15.05 15.60 7.30
C ARG A 159 -16.31 16.29 7.80
N GLU A 160 -16.17 17.22 8.75
CA GLU A 160 -17.33 17.90 9.31
C GLU A 160 -17.89 18.93 8.35
N LEU A 161 -17.03 19.63 7.61
CA LEU A 161 -17.44 20.71 6.73
C LEU A 161 -17.73 20.23 5.32
N LYS A 162 -17.69 18.92 5.07
CA LYS A 162 -17.85 18.35 3.73
C LYS A 162 -16.83 18.93 2.76
N LEU A 163 -15.65 19.26 3.27
CA LEU A 163 -14.64 20.00 2.50
C LEU A 163 -13.39 19.16 2.35
N PRO A 164 -13.21 18.47 1.22
CA PRO A 164 -11.95 17.74 1.00
C PRO A 164 -10.77 18.69 0.96
N LEU A 165 -9.65 18.24 1.51
CA LEU A 165 -8.43 19.03 1.52
C LEU A 165 -7.52 18.73 0.34
N THR A 166 -7.98 17.90 -0.60
CA THR A 166 -7.20 17.55 -1.78
C THR A 166 -7.96 17.82 -3.07
N SER A 167 -9.00 18.64 -3.03
CA SER A 167 -9.82 18.95 -4.18
C SER A 167 -9.95 20.45 -4.33
N TRP A 168 -10.46 20.88 -5.49
CA TRP A 168 -10.70 22.29 -5.72
C TRP A 168 -11.67 22.84 -4.69
N ILE A 169 -11.36 24.02 -4.16
CA ILE A 169 -12.20 24.70 -3.18
C ILE A 169 -12.44 26.12 -3.67
N GLN A 170 -13.71 26.54 -3.66
CA GLN A 170 -14.07 27.89 -4.08
C GLN A 170 -14.07 28.83 -2.88
N LEU A 171 -13.38 29.96 -3.04
CA LEU A 171 -13.31 31.01 -2.03
C LEU A 171 -14.28 32.11 -2.40
N GLN A 172 -15.11 32.49 -1.44
CA GLN A 172 -16.16 33.49 -1.59
C GLN A 172 -16.09 34.45 -0.41
N HIS A 173 -16.24 35.75 -0.71
CA HIS A 173 -16.25 36.79 0.33
C HIS A 173 -14.98 36.72 1.19
N TYR A 174 -13.86 36.45 0.55
CA TYR A 174 -12.59 36.28 1.24
C TYR A 174 -11.99 37.63 1.59
N SER A 175 -11.00 37.59 2.49
CA SER A 175 -10.18 38.76 2.81
C SER A 175 -8.82 38.55 2.16
N TYR A 176 -8.50 39.37 1.16
CA TYR A 176 -7.31 39.17 0.34
C TYR A 176 -6.18 40.09 0.78
N GLU A 177 -4.96 39.55 0.81
CA GLU A 177 -3.78 40.36 1.04
C GLU A 177 -2.59 39.76 0.30
N PRO A 178 -2.03 40.47 -0.68
CA PRO A 178 -0.81 39.97 -1.33
C PRO A 178 0.42 40.41 -0.54
N ARG A 179 1.19 39.44 -0.04
CA ARG A 179 2.50 39.79 0.53
C ARG A 179 3.56 38.97 -0.18
N GLY A 180 4.53 39.66 -0.77
CA GLY A 180 5.58 38.96 -1.49
C GLY A 180 4.98 38.13 -2.60
N LEU A 181 5.28 36.83 -2.57
CA LEU A 181 4.78 35.90 -3.56
C LEU A 181 3.54 35.14 -3.10
N VAL A 182 3.00 35.44 -1.92
CA VAL A 182 1.93 34.66 -1.33
C VAL A 182 0.67 35.52 -1.28
N HIS A 183 -0.40 35.00 -1.90
CA HIS A 183 -1.71 35.64 -1.86
C HIS A 183 -2.46 35.05 -0.68
N ARG A 184 -2.40 35.72 0.46
CA ARG A 184 -3.05 35.20 1.65
C ARG A 184 -4.52 35.54 1.63
N PHE A 185 -5.34 34.54 1.96
CA PHE A 185 -6.79 34.68 2.06
C PHE A 185 -7.24 34.33 3.48
N SER A 186 -7.94 35.27 4.11
CA SER A 186 -8.55 35.04 5.41
C SER A 186 -10.03 34.77 5.17
N VAL A 187 -10.45 33.53 5.41
CA VAL A 187 -11.80 33.08 5.12
C VAL A 187 -12.35 32.41 6.37
N THR A 188 -13.64 32.12 6.31
CA THR A 188 -14.36 31.39 7.33
C THR A 188 -15.02 30.18 6.69
N PRO A 189 -15.32 29.14 7.46
CA PRO A 189 -15.94 27.95 6.86
C PRO A 189 -17.24 28.25 6.14
N GLU A 190 -18.04 29.20 6.64
CA GLU A 190 -19.29 29.56 5.98
C GLU A 190 -19.05 30.26 4.64
N ASP A 191 -17.88 30.87 4.46
CA ASP A 191 -17.55 31.60 3.23
C ASP A 191 -16.65 30.80 2.30
N LEU A 192 -16.49 29.50 2.54
CA LEU A 192 -15.54 28.69 1.79
C LEU A 192 -16.24 27.39 1.38
N VAL A 193 -16.48 27.23 0.08
CA VAL A 193 -17.36 26.19 -0.43
C VAL A 193 -16.53 25.15 -1.16
N SER A 194 -16.98 23.90 -1.14
CA SER A 194 -16.32 22.86 -1.92
C SER A 194 -16.73 22.97 -3.38
N TYR A 195 -15.76 22.84 -4.28
CA TYR A 195 -16.01 22.90 -5.73
C TYR A 195 -15.81 21.51 -6.29
N GLN A 196 -16.91 20.78 -6.43
CA GLN A 196 -16.86 19.36 -6.79
C GLN A 196 -17.03 19.11 -8.28
N ASN A 197 -17.70 20.01 -9.01
CA ASN A 197 -17.99 19.77 -10.42
C ASN A 197 -16.81 20.15 -11.29
N ASP A 198 -16.63 19.39 -12.37
CA ASP A 198 -15.78 19.70 -13.52
C ASP A 198 -14.51 20.48 -13.16
N GLY A 199 -13.75 19.97 -12.20
CA GLY A 199 -12.56 20.63 -11.73
C GLY A 199 -11.58 20.95 -12.83
N PRO A 200 -11.13 22.21 -12.90
CA PRO A 200 -10.24 22.62 -13.99
C PRO A 200 -8.86 22.02 -13.85
N THR A 201 -8.01 22.27 -14.84
CA THR A 201 -6.65 21.75 -14.80
C THR A 201 -5.90 22.31 -13.60
N ASP A 202 -5.30 21.42 -12.82
CA ASP A 202 -4.59 21.82 -11.62
C ASP A 202 -3.25 22.46 -11.98
N HIS A 203 -2.91 23.53 -11.28
CA HIS A 203 -1.69 24.29 -11.54
C HIS A 203 -0.82 24.38 -10.30
N SER A 204 -0.75 23.27 -9.54
CA SER A 204 0.18 23.21 -8.43
C SER A 204 1.60 22.98 -8.94
N ILE A 205 2.58 23.43 -8.15
CA ILE A 205 3.98 23.32 -8.52
C ILE A 205 4.65 22.29 -7.64
N VAL A 206 5.31 21.32 -8.27
CA VAL A 206 6.10 20.32 -7.58
C VAL A 206 7.55 20.45 -8.03
N MET A 207 8.46 20.63 -7.08
CA MET A 207 9.87 20.72 -7.40
C MET A 207 10.54 19.44 -6.94
N ALA A 208 11.28 18.80 -7.83
CA ALA A 208 12.11 17.66 -7.51
C ALA A 208 13.53 18.14 -7.32
N TYR A 209 14.14 17.75 -6.21
CA TYR A 209 15.49 18.18 -5.89
C TYR A 209 16.34 16.98 -5.51
N ASP A 210 17.60 17.02 -5.93
CA ASP A 210 18.57 16.01 -5.55
C ASP A 210 19.86 16.70 -5.15
N ILE A 211 20.60 16.08 -4.24
CA ILE A 211 21.82 16.66 -3.70
C ILE A 211 22.97 15.68 -3.92
N GLU A 212 24.14 16.24 -4.22
CA GLU A 212 25.39 15.49 -4.32
C GLU A 212 26.31 15.99 -3.22
N THR A 213 26.78 15.05 -2.41
CA THR A 213 27.64 15.40 -1.30
C THR A 213 29.04 14.86 -1.48
N TYR A 214 29.97 15.33 -0.68
CA TYR A 214 31.38 14.95 -0.80
C TYR A 214 31.92 14.52 0.56
N SER A 215 32.80 13.52 0.55
CA SER A 215 33.51 13.08 1.73
C SER A 215 34.97 12.87 1.39
N PRO A 216 35.89 13.41 2.19
CA PRO A 216 37.33 13.25 1.87
C PRO A 216 37.78 11.80 1.85
N VAL A 217 37.23 10.96 2.72
CA VAL A 217 37.61 9.56 2.77
C VAL A 217 36.86 8.79 1.69
N LYS A 218 37.61 8.07 0.85
CA LYS A 218 37.03 7.38 -0.29
C LYS A 218 36.28 6.13 0.15
N GLY A 219 35.30 5.72 -0.66
CA GLY A 219 34.57 4.50 -0.44
C GLY A 219 33.55 4.54 0.68
N THR A 220 33.25 5.71 1.22
CA THR A 220 32.31 5.84 2.31
C THR A 220 31.20 6.80 1.94
N VAL A 221 29.98 6.50 2.37
CA VAL A 221 28.87 7.43 2.20
C VAL A 221 29.12 8.67 3.05
N PRO A 222 29.05 9.87 2.50
CA PRO A 222 29.34 11.08 3.29
C PRO A 222 28.41 11.20 4.48
N ASP A 223 29.00 11.17 5.67
CA ASP A 223 28.23 11.30 6.90
C ASP A 223 28.00 12.77 7.22
N PRO A 224 26.76 13.22 7.35
CA PRO A 224 26.53 14.63 7.72
C PRO A 224 27.11 15.00 9.07
N ASN A 225 27.26 14.03 9.98
CA ASN A 225 27.86 14.33 11.28
C ASN A 225 29.33 14.69 11.15
N GLN A 226 30.02 14.13 10.15
CA GLN A 226 31.42 14.44 9.95
C GLN A 226 31.58 15.87 9.47
N ALA A 227 32.49 16.60 10.11
CA ALA A 227 32.68 18.01 9.78
C ALA A 227 33.24 18.19 8.37
N ASN A 228 34.20 17.34 7.98
CA ASN A 228 34.84 17.52 6.68
C ASN A 228 33.94 17.10 5.53
N ASP A 229 33.04 16.15 5.76
CA ASP A 229 32.07 15.79 4.73
C ASP A 229 31.17 16.99 4.44
N VAL A 230 30.85 17.18 3.16
CA VAL A 230 30.16 18.38 2.72
C VAL A 230 29.18 18.04 1.61
N VAL A 231 28.04 18.71 1.61
CA VAL A 231 27.13 18.70 0.47
C VAL A 231 27.57 19.80 -0.48
N PHE A 232 27.85 19.43 -1.73
CA PHE A 232 28.45 20.37 -2.66
C PHE A 232 27.58 20.70 -3.86
N MET A 233 26.46 20.00 -4.06
CA MET A 233 25.62 20.32 -5.20
C MET A 233 24.16 20.06 -4.86
N ILE A 234 23.29 20.97 -5.30
CA ILE A 234 21.85 20.80 -5.20
C ILE A 234 21.24 21.17 -6.54
N CYS A 235 20.58 20.23 -7.18
CA CYS A 235 19.91 20.47 -8.46
C CYS A 235 18.41 20.29 -8.26
N MET A 236 17.64 21.29 -8.70
CA MET A 236 16.22 21.33 -8.42
C MET A 236 15.46 21.79 -9.65
N ARG A 237 14.23 21.29 -9.79
CA ARG A 237 13.41 21.57 -10.96
C ARG A 237 11.96 21.72 -10.54
N ILE A 238 11.26 22.69 -11.12
CA ILE A 238 9.83 22.87 -10.85
C ILE A 238 9.02 22.42 -12.07
N PHE A 239 7.93 21.70 -11.79
CA PHE A 239 7.02 21.18 -12.79
C PHE A 239 5.60 21.48 -12.35
N TRP A 240 4.69 21.45 -13.32
CA TRP A 240 3.28 21.39 -12.96
C TRP A 240 2.97 20.07 -12.27
N ILE A 241 1.89 20.06 -11.49
CA ILE A 241 1.53 18.87 -10.74
C ILE A 241 1.21 17.69 -11.65
N HIS A 242 1.00 17.95 -12.94
CA HIS A 242 0.61 16.92 -13.89
C HIS A 242 1.56 16.76 -15.07
N SER A 243 2.50 17.68 -15.26
CA SER A 243 3.36 17.70 -16.43
C SER A 243 4.80 17.42 -16.04
N THR A 244 5.52 16.75 -16.93
CA THR A 244 6.92 16.42 -16.72
C THR A 244 7.88 17.45 -17.30
N GLU A 245 7.39 18.43 -18.04
CA GLU A 245 8.29 19.45 -18.56
C GLU A 245 8.64 20.44 -17.45
N PRO A 246 9.90 20.81 -17.31
CA PRO A 246 10.30 21.69 -16.20
C PRO A 246 9.91 23.14 -16.47
N LEU A 247 9.20 23.74 -15.51
CA LEU A 247 8.94 25.17 -15.58
C LEU A 247 10.23 25.97 -15.45
N ALA A 248 11.10 25.56 -14.53
CA ALA A 248 12.40 26.18 -14.35
C ALA A 248 13.32 25.19 -13.65
N SER A 249 14.62 25.43 -13.80
CA SER A 249 15.63 24.53 -13.26
C SER A 249 16.78 25.36 -12.68
N THR A 250 17.29 24.92 -11.52
CA THR A 250 18.33 25.66 -10.83
C THR A 250 19.36 24.69 -10.25
N CYS A 251 20.64 24.99 -10.47
CA CYS A 251 21.73 24.22 -9.90
C CYS A 251 22.59 25.11 -9.02
N ILE A 252 22.90 24.64 -7.81
CA ILE A 252 23.77 25.35 -6.88
C ILE A 252 24.94 24.45 -6.56
N THR A 253 26.15 24.98 -6.67
CA THR A 253 27.35 24.14 -6.62
C THR A 253 28.51 24.90 -6.00
N MET A 254 29.52 24.13 -5.58
CA MET A 254 30.74 24.70 -5.00
C MET A 254 31.71 25.13 -6.11
N ALA A 255 32.18 24.17 -6.89
CA ALA A 255 33.14 24.43 -7.94
C ALA A 255 32.49 25.22 -9.08
N PRO A 256 33.26 25.98 -9.87
CA PRO A 256 32.64 26.71 -10.97
C PRO A 256 32.11 25.76 -12.03
N CYS A 257 30.94 26.10 -12.55
CA CYS A 257 30.24 25.29 -13.53
C CYS A 257 29.94 26.13 -14.75
N LYS A 258 30.23 25.59 -15.93
CA LYS A 258 29.97 26.32 -17.17
C LYS A 258 28.48 26.59 -17.32
N LYS A 259 28.15 27.76 -17.84
CA LYS A 259 26.76 28.15 -17.99
C LYS A 259 26.05 27.21 -18.97
N SER A 260 24.87 26.74 -18.58
CA SER A 260 24.05 25.87 -19.40
C SER A 260 22.70 26.52 -19.62
N SER A 261 22.19 26.44 -20.85
CA SER A 261 20.89 27.01 -21.16
C SER A 261 19.73 26.25 -20.54
N GLU A 262 19.96 25.00 -20.10
CA GLU A 262 18.88 24.19 -19.56
C GLU A 262 18.52 24.54 -18.13
N TRP A 263 19.42 25.18 -17.39
CA TRP A 263 19.15 25.51 -16.00
C TRP A 263 19.94 26.75 -15.60
N THR A 264 19.47 27.42 -14.56
CA THR A 264 20.17 28.56 -13.99
C THR A 264 21.17 28.07 -12.97
N THR A 265 22.44 28.45 -13.14
CA THR A 265 23.51 28.00 -12.26
C THR A 265 23.82 29.09 -11.24
N ILE A 266 23.80 28.70 -9.97
CA ILE A 266 24.13 29.60 -8.86
C ILE A 266 25.41 29.10 -8.21
N LEU A 267 26.41 29.97 -8.12
CA LEU A 267 27.72 29.62 -7.59
C LEU A 267 27.84 30.10 -6.15
N CYS A 268 28.32 29.21 -5.28
CA CYS A 268 28.51 29.54 -3.88
C CYS A 268 29.92 29.16 -3.45
N SER A 269 30.42 29.85 -2.44
CA SER A 269 31.78 29.68 -1.97
C SER A 269 31.89 28.82 -0.72
N SER A 270 30.79 28.61 0.00
CA SER A 270 30.85 27.86 1.25
C SER A 270 29.57 27.06 1.43
N GLU A 271 29.65 26.04 2.28
CA GLU A 271 28.49 25.20 2.54
C GLU A 271 27.35 26.02 3.15
N LYS A 272 27.68 26.94 4.05
CA LYS A 272 26.68 27.87 4.56
C LYS A 272 26.08 28.68 3.42
N ASN A 273 26.92 29.18 2.51
CA ASN A 273 26.42 29.93 1.36
C ASN A 273 25.55 29.07 0.46
N LEU A 274 25.96 27.81 0.24
CA LEU A 274 25.17 26.93 -0.62
C LEU A 274 23.80 26.64 -0.01
N LEU A 275 23.75 26.38 1.30
CA LEU A 275 22.47 26.15 1.95
C LEU A 275 21.61 27.39 1.93
N LEU A 276 22.21 28.56 2.12
CA LEU A 276 21.47 29.81 2.06
C LEU A 276 20.90 30.02 0.66
N SER A 277 21.67 29.71 -0.38
CA SER A 277 21.17 29.85 -1.75
C SER A 277 20.06 28.85 -2.03
N PHE A 278 20.17 27.63 -1.49
CA PHE A 278 19.09 26.66 -1.63
C PHE A 278 17.81 27.19 -1.00
N ALA A 279 17.92 27.74 0.20
CA ALA A 279 16.75 28.31 0.86
C ALA A 279 16.19 29.48 0.07
N GLU A 280 17.07 30.32 -0.49
CA GLU A 280 16.62 31.47 -1.27
C GLU A 280 15.86 31.03 -2.51
N GLN A 281 16.39 30.04 -3.24
CA GLN A 281 15.70 29.56 -4.43
C GLN A 281 14.39 28.88 -4.07
N PHE A 282 14.37 28.13 -2.96
CA PHE A 282 13.13 27.52 -2.50
C PHE A 282 12.08 28.57 -2.18
N SER A 283 12.48 29.65 -1.50
CA SER A 283 11.55 30.73 -1.19
C SER A 283 11.06 31.43 -2.45
N ARG A 284 11.97 31.68 -3.39
CA ARG A 284 11.57 32.37 -4.62
C ARG A 284 10.60 31.53 -5.44
N TRP A 285 10.83 30.21 -5.50
CA TRP A 285 9.91 29.35 -6.23
C TRP A 285 8.64 29.07 -5.43
N ALA A 286 8.75 28.97 -4.11
CA ALA A 286 7.63 28.69 -3.23
C ALA A 286 6.81 27.50 -3.72
N PRO A 287 7.42 26.32 -3.85
CA PRO A 287 6.71 25.19 -4.44
C PRO A 287 5.59 24.69 -3.55
N ASP A 288 4.57 24.11 -4.19
CA ASP A 288 3.50 23.46 -3.45
C ASP A 288 3.93 22.11 -2.91
N ILE A 289 4.81 21.41 -3.62
CA ILE A 289 5.36 20.14 -3.15
C ILE A 289 6.86 20.14 -3.40
N CYS A 290 7.62 19.70 -2.40
CA CYS A 290 9.05 19.46 -2.55
C CYS A 290 9.31 17.97 -2.45
N THR A 291 9.93 17.39 -3.47
CA THR A 291 10.03 15.95 -3.57
C THR A 291 11.45 15.54 -3.92
N GLY A 292 11.76 14.29 -3.57
CA GLY A 292 13.04 13.71 -3.90
C GLY A 292 13.02 12.22 -3.67
N PHE A 293 14.00 11.54 -4.24
CA PHE A 293 14.12 10.10 -4.08
C PHE A 293 15.06 9.81 -2.92
N ASN A 294 14.56 9.06 -1.93
CA ASN A 294 15.29 8.73 -0.71
C ASN A 294 15.72 9.97 0.06
N ASP A 295 15.03 11.08 -0.14
CA ASP A 295 15.40 12.31 0.56
C ASP A 295 15.07 12.25 2.03
N SER A 296 14.07 11.44 2.41
CA SER A 296 13.70 11.32 3.81
C SER A 296 14.69 10.48 4.61
N ARG A 297 15.62 9.80 3.96
CA ARG A 297 16.71 9.10 4.64
C ARG A 297 18.06 9.75 4.45
N TYR A 298 18.33 10.36 3.30
CA TYR A 298 19.65 10.89 3.02
C TYR A 298 19.68 12.40 2.86
N ASP A 299 18.86 12.95 1.96
CA ASP A 299 19.00 14.37 1.60
C ASP A 299 18.60 15.27 2.77
N TRP A 300 17.36 15.13 3.25
CA TRP A 300 16.88 16.00 4.32
C TRP A 300 17.69 15.90 5.60
N PRO A 301 18.02 14.70 6.12
CA PRO A 301 18.90 14.65 7.30
C PRO A 301 20.25 15.29 7.06
N PHE A 302 20.83 15.10 5.88
CA PHE A 302 22.12 15.71 5.58
C PHE A 302 22.02 17.23 5.61
N ILE A 303 21.00 17.78 4.96
CA ILE A 303 20.83 19.22 4.91
C ILE A 303 20.61 19.79 6.31
N VAL A 304 19.74 19.13 7.09
CA VAL A 304 19.44 19.63 8.43
C VAL A 304 20.66 19.58 9.33
N GLU A 305 21.41 18.47 9.29
CA GLU A 305 22.59 18.35 10.13
C GLU A 305 23.66 19.35 9.72
N LYS A 306 23.87 19.55 8.42
CA LYS A 306 24.85 20.54 7.96
C LYS A 306 24.44 21.94 8.38
N SER A 307 23.16 22.27 8.28
CA SER A 307 22.70 23.58 8.67
C SER A 307 22.81 23.80 10.18
N MET A 308 22.59 22.76 10.97
CA MET A 308 22.86 22.84 12.40
C MET A 308 24.35 23.07 12.67
N GLN A 309 25.22 22.38 11.92
CA GLN A 309 26.64 22.58 12.07
C GLN A 309 27.03 24.03 11.78
N HIS A 310 26.43 24.61 10.74
CA HIS A 310 26.65 26.02 10.44
C HIS A 310 25.73 26.94 11.22
N GLY A 311 24.79 26.40 12.00
CA GLY A 311 23.91 27.22 12.82
C GLY A 311 23.04 28.16 12.02
N ILE A 312 22.46 27.69 10.92
CA ILE A 312 21.63 28.53 10.07
C ILE A 312 20.29 27.86 9.82
N LEU A 313 19.94 26.87 10.64
CA LEU A 313 18.68 26.16 10.44
C LEU A 313 17.49 27.09 10.62
N GLU A 314 17.55 27.97 11.62
CA GLU A 314 16.45 28.91 11.82
C GLU A 314 16.29 29.81 10.61
N GLU A 315 17.39 30.32 10.07
CA GLU A 315 17.33 31.24 8.93
C GLU A 315 16.75 30.56 7.70
N ILE A 316 17.28 29.39 7.34
CA ILE A 316 16.83 28.71 6.13
C ILE A 316 15.41 28.23 6.28
N PHE A 317 15.03 27.77 7.48
CA PHE A 317 13.65 27.34 7.70
C PHE A 317 12.69 28.51 7.59
N ASN A 318 13.03 29.65 8.20
CA ASN A 318 12.16 30.81 8.12
C ASN A 318 12.05 31.32 6.69
N LYS A 319 13.13 31.20 5.91
CA LYS A 319 13.06 31.60 4.51
C LYS A 319 12.19 30.64 3.71
N MET A 320 12.28 29.33 4.00
CA MET A 320 11.50 28.33 3.27
C MET A 320 10.05 28.28 3.71
N SER A 321 9.75 28.72 4.94
CA SER A 321 8.39 28.62 5.48
C SER A 321 7.55 29.86 5.19
N LEU A 322 7.81 30.53 4.06
CA LEU A 322 7.12 31.76 3.71
C LEU A 322 7.41 32.85 4.73
N PHE A 323 6.45 33.08 5.63
CA PHE A 323 6.59 34.10 6.66
C PHE A 323 6.48 33.51 8.07
N TRP A 324 6.49 32.18 8.17
CA TRP A 324 6.34 31.49 9.45
C TRP A 324 7.65 31.60 10.21
N HIS A 325 7.68 32.52 11.17
CA HIS A 325 8.88 32.72 11.98
C HIS A 325 8.84 31.79 13.19
N GLN A 326 9.79 30.85 13.26
CA GLN A 326 9.86 29.90 14.35
C GLN A 326 11.29 29.83 14.86
N LYS A 327 11.43 29.65 16.17
CA LYS A 327 12.74 29.55 16.79
C LYS A 327 13.34 28.17 16.53
N LEU A 328 14.66 28.07 16.73
CA LEU A 328 15.38 26.84 16.39
C LEU A 328 14.88 25.65 17.20
N ASP A 329 14.64 25.84 18.50
CA ASP A 329 14.14 24.75 19.33
C ASP A 329 12.77 24.29 18.85
N THR A 330 11.91 25.23 18.47
CA THR A 330 10.60 24.85 17.93
C THR A 330 10.76 24.12 16.60
N ILE A 331 11.72 24.54 15.78
CA ILE A 331 11.96 23.88 14.49
C ILE A 331 12.37 22.43 14.72
N LEU A 332 13.31 22.20 15.64
CA LEU A 332 13.78 20.84 15.89
C LEU A 332 12.71 19.99 16.56
N LYS A 333 11.91 20.59 17.45
CA LYS A 333 10.92 19.84 18.21
C LYS A 333 9.78 19.36 17.30
N CYS A 334 9.23 20.25 16.49
CA CYS A 334 7.99 19.98 15.77
C CYS A 334 8.19 19.84 14.27
N TYR A 335 8.77 20.85 13.62
CA TYR A 335 8.77 20.88 12.16
C TYR A 335 9.75 19.90 11.54
N TYR A 336 10.85 19.61 12.22
CA TYR A 336 11.82 18.62 11.72
C TYR A 336 11.33 17.25 12.14
N VAL A 337 10.47 16.66 11.32
CA VAL A 337 9.94 15.32 11.60
C VAL A 337 11.09 14.33 11.49
N LYS A 338 11.40 13.67 12.60
CA LYS A 338 12.56 12.78 12.68
C LYS A 338 12.11 11.36 12.97
N GLU A 339 12.66 10.40 12.22
CA GLU A 339 12.43 8.98 12.44
C GLU A 339 10.94 8.63 12.39
N LYS A 340 10.22 9.25 11.47
CA LYS A 340 8.81 8.93 11.27
C LYS A 340 8.68 7.57 10.59
N ARG A 341 7.77 6.75 11.10
CA ARG A 341 7.59 5.41 10.59
C ARG A 341 6.47 5.40 9.56
N VAL A 342 6.76 4.90 8.36
CA VAL A 342 5.81 4.82 7.26
C VAL A 342 5.58 3.35 6.93
N LYS A 343 4.32 2.93 6.99
CA LYS A 343 3.98 1.54 6.72
C LYS A 343 3.84 1.34 5.21
N ILE A 344 4.69 0.47 4.65
CA ILE A 344 4.61 0.15 3.23
C ILE A 344 3.59 -0.96 2.98
N SER A 345 3.66 -2.02 3.77
CA SER A 345 2.72 -3.13 3.69
C SER A 345 2.65 -3.78 5.07
N ALA A 346 2.07 -4.97 5.13
CA ALA A 346 2.08 -5.73 6.37
C ALA A 346 3.51 -6.08 6.74
N GLU A 347 3.80 -6.00 8.04
CA GLU A 347 5.12 -6.27 8.63
C GLU A 347 6.25 -5.63 7.83
N LYS A 348 5.97 -4.48 7.19
CA LYS A 348 6.97 -3.74 6.42
C LYS A 348 6.80 -2.26 6.70
N SER A 349 7.79 -1.66 7.36
CA SER A 349 7.79 -0.24 7.65
C SER A 349 9.17 0.34 7.36
N ILE A 350 9.19 1.61 6.97
CA ILE A 350 10.43 2.31 6.65
C ILE A 350 10.50 3.58 7.52
N ILE A 351 11.69 4.16 7.56
CA ILE A 351 11.95 5.36 8.31
C ILE A 351 11.91 6.54 7.34
N SER A 352 11.59 7.72 7.86
CA SER A 352 11.54 8.93 7.04
C SER A 352 11.81 10.13 7.95
N SER A 353 12.85 10.89 7.65
CA SER A 353 13.18 12.11 8.37
C SER A 353 13.26 13.25 7.38
N PHE A 354 12.50 14.31 7.63
CA PHE A 354 12.45 15.43 6.71
C PHE A 354 12.13 16.71 7.48
N LEU A 355 12.41 17.85 6.84
CA LEU A 355 12.08 19.15 7.38
C LEU A 355 10.78 19.61 6.73
N HIS A 356 9.69 19.54 7.49
CA HIS A 356 8.36 19.89 6.96
C HIS A 356 8.15 21.39 7.10
N THR A 357 8.71 22.13 6.15
CA THR A 357 8.51 23.58 6.13
C THR A 357 7.06 23.87 5.76
N PRO A 358 6.37 24.72 6.52
CA PRO A 358 5.00 25.07 6.16
C PRO A 358 4.95 25.75 4.79
N GLY A 359 3.87 25.46 4.06
CA GLY A 359 3.72 25.95 2.71
C GLY A 359 4.16 24.98 1.63
N CYS A 360 4.84 23.90 2.01
CA CYS A 360 5.30 22.91 1.04
C CYS A 360 5.17 21.52 1.65
N LEU A 361 4.69 20.58 0.85
CA LEU A 361 4.54 19.22 1.34
C LEU A 361 5.73 18.38 0.88
N PRO A 362 6.42 17.71 1.79
CA PRO A 362 7.57 16.87 1.39
C PRO A 362 7.13 15.50 0.90
N ILE A 363 7.73 15.08 -0.21
CA ILE A 363 7.43 13.81 -0.86
C ILE A 363 8.73 13.05 -1.05
N ASP A 364 8.74 11.78 -0.64
CA ASP A 364 9.82 10.87 -0.95
C ASP A 364 9.32 9.92 -2.04
N VAL A 365 9.88 10.05 -3.24
CA VAL A 365 9.44 9.24 -4.37
C VAL A 365 9.66 7.77 -4.09
N ARG A 366 10.72 7.43 -3.35
CA ARG A 366 10.96 6.04 -3.00
C ARG A 366 9.83 5.49 -2.14
N ASN A 367 9.33 6.29 -1.19
CA ASN A 367 8.22 5.85 -0.36
C ASN A 367 6.98 5.58 -1.20
N MET A 368 6.67 6.48 -2.13
CA MET A 368 5.50 6.29 -2.98
C MET A 368 5.65 5.07 -3.88
N CYS A 369 6.84 4.89 -4.46
CA CYS A 369 7.06 3.76 -5.34
C CYS A 369 7.01 2.44 -4.58
N MET A 370 7.54 2.41 -3.35
CA MET A 370 7.46 1.20 -2.55
C MET A 370 6.03 0.93 -2.11
N GLN A 371 5.24 1.98 -1.86
CA GLN A 371 3.84 1.78 -1.54
C GLN A 371 3.08 1.23 -2.75
N LEU A 372 3.42 1.70 -3.96
CA LEU A 372 2.80 1.17 -5.16
C LEU A 372 3.28 -0.24 -5.47
N TYR A 373 4.52 -0.57 -5.09
CA TYR A 373 5.11 -1.87 -5.35
C TYR A 373 5.62 -2.45 -4.03
N PRO A 374 4.71 -2.86 -3.15
CA PRO A 374 5.15 -3.37 -1.83
C PRO A 374 5.98 -4.63 -1.91
N LYS A 375 5.90 -5.40 -3.00
CA LYS A 375 6.65 -6.64 -3.15
C LYS A 375 7.86 -6.48 -4.06
N ALA A 376 8.29 -5.26 -4.32
CA ALA A 376 9.45 -5.03 -5.17
C ALA A 376 10.72 -5.49 -4.46
N GLU A 377 11.51 -6.31 -5.15
CA GLU A 377 12.76 -6.79 -4.55
C GLU A 377 13.79 -5.67 -4.45
N LYS A 378 13.91 -4.85 -5.50
CA LYS A 378 14.85 -3.75 -5.54
C LYS A 378 14.09 -2.44 -5.40
N THR A 379 14.55 -1.57 -4.50
CA THR A 379 13.90 -0.29 -4.23
C THR A 379 14.75 0.88 -4.69
N SER A 380 15.69 0.66 -5.59
CA SER A 380 16.51 1.74 -6.12
C SER A 380 15.72 2.56 -7.16
N LEU A 381 16.24 3.73 -7.48
CA LEU A 381 15.61 4.58 -8.48
C LEU A 381 15.61 3.90 -9.84
N LYS A 382 16.72 3.26 -10.20
CA LYS A 382 16.80 2.59 -11.49
C LYS A 382 15.78 1.46 -11.60
N ALA A 383 15.63 0.68 -10.52
CA ALA A 383 14.67 -0.42 -10.55
C ALA A 383 13.24 0.09 -10.71
N PHE A 384 12.89 1.15 -9.97
CA PHE A 384 11.55 1.71 -10.08
C PHE A 384 11.29 2.30 -11.45
N LEU A 385 12.30 2.95 -12.04
CA LEU A 385 12.15 3.47 -13.40
C LEU A 385 11.96 2.34 -14.39
N GLU A 386 12.71 1.24 -14.23
CA GLU A 386 12.59 0.12 -15.16
C GLU A 386 11.25 -0.59 -15.02
N ASN A 387 10.72 -0.68 -13.80
CA ASN A 387 9.50 -1.43 -13.57
C ASN A 387 8.32 -0.82 -14.31
N CYS A 388 8.23 0.52 -14.31
CA CYS A 388 7.11 1.21 -14.94
C CYS A 388 7.37 1.53 -16.41
N GLY A 389 8.47 1.04 -16.97
CA GLY A 389 8.77 1.26 -18.37
C GLY A 389 9.40 2.60 -18.71
N LEU A 390 9.69 3.43 -17.71
CA LEU A 390 10.34 4.70 -17.98
C LEU A 390 11.78 4.49 -18.44
N ASP A 391 12.33 5.52 -19.07
CA ASP A 391 13.66 5.42 -19.65
C ASP A 391 14.71 5.23 -18.55
N SER A 392 15.76 4.48 -18.88
CA SER A 392 16.84 4.23 -17.94
C SER A 392 17.64 5.50 -17.69
N LYS A 393 17.88 5.81 -16.43
CA LYS A 393 18.70 6.96 -16.08
C LYS A 393 20.17 6.60 -16.28
N VAL A 394 20.92 7.50 -16.91
CA VAL A 394 22.35 7.29 -17.10
C VAL A 394 23.02 7.44 -15.73
N ASP A 395 23.42 6.30 -15.14
CA ASP A 395 23.91 6.31 -13.77
C ASP A 395 25.19 7.11 -13.65
N LEU A 396 25.27 7.94 -12.60
CA LEU A 396 26.51 8.63 -12.28
C LEU A 396 27.35 7.73 -11.39
N PRO A 397 28.48 7.21 -11.85
CA PRO A 397 29.28 6.32 -11.02
C PRO A 397 29.95 7.07 -9.89
N TYR A 398 30.34 6.30 -8.88
CA TYR A 398 30.88 6.78 -7.61
C TYR A 398 32.18 7.54 -7.78
N HIS A 399 33.23 6.79 -8.10
CA HIS A 399 34.56 7.36 -8.08
C HIS A 399 34.71 8.42 -9.16
N LEU A 400 33.95 8.32 -10.25
CA LEU A 400 34.00 9.35 -11.27
C LEU A 400 33.60 10.72 -10.70
N MET A 401 32.48 10.80 -9.98
CA MET A 401 32.00 12.14 -9.64
C MET A 401 32.69 12.69 -8.39
N TRP A 402 33.06 11.82 -7.44
CA TRP A 402 34.01 12.29 -6.43
C TRP A 402 35.34 12.76 -7.02
N LYS A 403 35.89 12.07 -8.02
CA LYS A 403 37.09 12.59 -8.66
C LYS A 403 36.83 13.93 -9.35
N TYR A 404 35.68 14.05 -10.02
CA TYR A 404 35.33 15.29 -10.71
C TYR A 404 35.20 16.47 -9.76
N TYR A 405 34.59 16.27 -8.59
CA TYR A 405 34.58 17.34 -7.59
C TYR A 405 35.99 17.64 -7.12
N GLU A 406 36.83 16.61 -6.95
CA GLU A 406 38.19 16.85 -6.48
C GLU A 406 38.99 17.71 -7.46
N THR A 407 38.85 17.43 -8.76
CA THR A 407 39.67 18.12 -9.75
C THR A 407 39.23 19.55 -10.03
N ARG A 408 38.06 19.96 -9.54
CA ARG A 408 37.54 21.32 -9.77
C ARG A 408 37.42 21.64 -11.25
N ASP A 409 37.02 20.64 -12.04
CA ASP A 409 36.84 20.82 -13.48
C ASP A 409 35.45 21.37 -13.76
N SER A 410 35.39 22.46 -14.52
CA SER A 410 34.12 23.13 -14.74
C SER A 410 33.15 22.26 -15.54
N GLU A 411 33.62 21.65 -16.62
CA GLU A 411 32.72 20.84 -17.44
C GLU A 411 32.34 19.54 -16.75
N LYS A 412 33.24 18.95 -15.97
CA LYS A 412 32.87 17.77 -15.18
C LYS A 412 31.83 18.12 -14.13
N ILE A 413 31.97 19.28 -13.49
CA ILE A 413 30.95 19.74 -12.56
C ILE A 413 29.63 19.95 -13.26
N ALA A 414 29.67 20.51 -14.48
CA ALA A 414 28.45 20.68 -15.26
C ALA A 414 27.80 19.33 -15.60
N ASP A 415 28.62 18.33 -15.92
CA ASP A 415 28.09 17.00 -16.20
C ASP A 415 27.45 16.38 -14.96
N VAL A 416 28.08 16.56 -13.80
CA VAL A 416 27.50 16.07 -12.56
C VAL A 416 26.17 16.78 -12.29
N ALA A 417 26.12 18.09 -12.55
CA ALA A 417 24.89 18.83 -12.39
C ALA A 417 23.81 18.32 -13.35
N TYR A 418 24.21 17.99 -14.57
CA TYR A 418 23.26 17.44 -15.54
C TYR A 418 22.69 16.12 -15.05
N TYR A 419 23.53 15.25 -14.49
CA TYR A 419 23.04 13.98 -13.99
C TYR A 419 22.14 14.17 -12.77
N CYS A 420 22.46 15.14 -11.91
CA CYS A 420 21.59 15.42 -10.78
C CYS A 420 20.24 15.96 -11.23
N ILE A 421 20.25 16.83 -12.24
CA ILE A 421 19.01 17.33 -12.82
C ILE A 421 18.21 16.18 -13.44
N ILE A 422 18.92 15.22 -14.06
CA ILE A 422 18.25 14.05 -14.60
C ILE A 422 17.63 13.22 -13.49
N ASP A 423 18.30 13.14 -12.34
CA ASP A 423 17.72 12.44 -11.19
C ASP A 423 16.43 13.11 -10.73
N ALA A 424 16.43 14.44 -10.65
CA ALA A 424 15.21 15.15 -10.30
C ALA A 424 14.11 14.93 -11.34
N GLN A 425 14.48 14.95 -12.61
CA GLN A 425 13.52 14.71 -13.68
C GLN A 425 12.94 13.30 -13.58
N ARG A 426 13.76 12.32 -13.21
CA ARG A 426 13.27 10.96 -13.03
C ARG A 426 12.33 10.87 -11.84
N CYS A 427 12.62 11.62 -10.78
CA CYS A 427 11.69 11.69 -9.65
C CYS A 427 10.33 12.19 -10.11
N GLN A 428 10.31 13.28 -10.87
CA GLN A 428 9.04 13.81 -11.36
C GLN A 428 8.37 12.87 -12.35
N ASP A 429 9.17 12.18 -13.18
CA ASP A 429 8.62 11.23 -14.13
C ASP A 429 7.94 10.07 -13.41
N LEU A 430 8.55 9.59 -12.32
CA LEU A 430 7.91 8.56 -11.52
C LEU A 430 6.64 9.08 -10.87
N LEU A 431 6.67 10.33 -10.40
CA LEU A 431 5.47 10.89 -9.78
C LEU A 431 4.31 11.00 -10.77
N VAL A 432 4.61 11.40 -12.01
CA VAL A 432 3.54 11.65 -12.98
C VAL A 432 3.09 10.37 -13.65
N ARG A 433 4.04 9.50 -14.03
CA ARG A 433 3.71 8.30 -14.79
C ARG A 433 2.77 7.39 -14.00
N HIS A 434 3.01 7.24 -12.71
CA HIS A 434 2.12 6.47 -11.87
C HIS A 434 0.90 7.25 -11.41
N ASN A 435 0.79 8.53 -11.80
CA ASN A 435 -0.33 9.38 -11.40
C ASN A 435 -0.47 9.42 -9.88
N VAL A 436 0.68 9.51 -9.19
CA VAL A 436 0.68 9.37 -7.74
C VAL A 436 -0.12 10.48 -7.08
N ILE A 437 0.16 11.73 -7.47
CA ILE A 437 -0.51 12.86 -6.83
C ILE A 437 -2.02 12.87 -7.08
N PRO A 438 -2.52 12.69 -8.31
CA PRO A 438 -3.98 12.62 -8.48
C PRO A 438 -4.62 11.46 -7.74
N ASP A 439 -3.95 10.31 -7.69
CA ASP A 439 -4.50 9.17 -6.95
C ASP A 439 -4.59 9.47 -5.46
N ARG A 440 -3.54 10.08 -4.90
CA ARG A 440 -3.59 10.45 -3.49
C ARG A 440 -4.66 11.50 -3.23
N ARG A 441 -4.84 12.43 -4.18
CA ARG A 441 -5.92 13.41 -4.05
C ARG A 441 -7.28 12.73 -4.04
N GLU A 442 -7.48 11.74 -4.91
CA GLU A 442 -8.74 11.01 -4.93
C GLU A 442 -8.96 10.28 -3.61
N VAL A 443 -7.90 9.66 -3.07
CA VAL A 443 -8.01 9.00 -1.78
C VAL A 443 -8.38 10.00 -0.69
N GLY A 444 -7.76 11.17 -0.71
CA GLY A 444 -8.09 12.18 0.28
C GLY A 444 -9.51 12.69 0.18
N ILE A 445 -9.99 12.88 -1.05
CA ILE A 445 -11.38 13.28 -1.25
C ILE A 445 -12.31 12.20 -0.72
N LEU A 446 -12.00 10.94 -1.01
CA LEU A 446 -12.84 9.83 -0.58
C LEU A 446 -12.87 9.72 0.94
N SER A 447 -11.73 9.89 1.61
CA SER A 447 -11.62 9.68 3.04
C SER A 447 -11.60 10.98 3.84
N TYR A 448 -11.75 12.14 3.18
CA TYR A 448 -11.77 13.44 3.85
C TYR A 448 -10.52 13.65 4.71
N THR A 449 -9.36 13.36 4.12
CA THR A 449 -8.07 13.53 4.78
C THR A 449 -7.19 14.44 3.94
N SER A 450 -6.15 14.97 4.58
CA SER A 450 -5.20 15.83 3.89
C SER A 450 -4.28 14.98 3.01
N LEU A 451 -3.58 15.67 2.11
CA LEU A 451 -2.63 14.99 1.24
C LEU A 451 -1.48 14.38 2.06
N TYR A 452 -1.08 15.06 3.13
CA TYR A 452 -0.04 14.54 4.00
C TYR A 452 -0.43 13.17 4.57
N ASP A 453 -1.70 13.02 4.95
CA ASP A 453 -2.19 11.72 5.41
C ASP A 453 -2.12 10.69 4.29
N CYS A 454 -2.50 11.08 3.07
CA CYS A 454 -2.45 10.15 1.95
C CYS A 454 -1.03 9.76 1.60
N ILE A 455 -0.04 10.55 2.02
CA ILE A 455 1.35 10.27 1.69
C ILE A 455 2.00 9.43 2.78
N TYR A 456 2.01 9.93 4.01
CA TYR A 456 2.83 9.34 5.06
C TYR A 456 2.07 8.40 5.99
N TYR A 457 0.81 8.12 5.72
CA TYR A 457 0.00 7.30 6.59
C TYR A 457 -0.69 6.19 5.82
N ALA A 458 -1.06 5.13 6.53
CA ALA A 458 -1.73 3.97 5.95
C ALA A 458 -3.23 4.24 5.85
N GLY A 459 -4.01 3.19 5.57
CA GLY A 459 -5.41 3.34 5.28
C GLY A 459 -6.39 3.08 6.41
N GLY A 460 -5.94 2.53 7.55
CA GLY A 460 -6.88 2.23 8.62
C GLY A 460 -7.53 3.48 9.18
N HIS A 461 -6.74 4.50 9.47
CA HIS A 461 -7.30 5.76 9.94
C HIS A 461 -8.13 6.42 8.85
N LYS A 462 -7.75 6.22 7.59
CA LYS A 462 -8.59 6.70 6.49
C LYS A 462 -9.94 6.03 6.48
N VAL A 463 -9.97 4.72 6.75
CA VAL A 463 -11.23 4.00 6.85
C VAL A 463 -12.06 4.56 7.99
N CYS A 464 -11.42 4.81 9.14
CA CYS A 464 -12.15 5.37 10.28
C CYS A 464 -12.70 6.76 9.94
N ASN A 465 -11.89 7.60 9.30
CA ASN A 465 -12.32 8.94 8.95
C ASN A 465 -13.47 8.92 7.95
N MET A 466 -13.39 8.03 6.95
CA MET A 466 -14.48 7.91 5.99
C MET A 466 -15.76 7.42 6.66
N LEU A 467 -15.64 6.47 7.59
CA LEU A 467 -16.81 6.00 8.32
C LEU A 467 -17.44 7.13 9.13
N ILE A 468 -16.62 7.91 9.82
CA ILE A 468 -17.17 9.01 10.62
C ILE A 468 -17.77 10.07 9.72
N ALA A 469 -17.17 10.33 8.56
CA ALA A 469 -17.71 11.29 7.62
C ALA A 469 -19.06 10.85 7.10
N TYR A 470 -19.19 9.59 6.70
CA TYR A 470 -20.47 9.05 6.30
C TYR A 470 -21.44 8.94 7.47
N ALA A 471 -20.94 9.06 8.70
CA ALA A 471 -21.80 8.90 9.87
C ALA A 471 -22.43 10.20 10.31
N ILE A 472 -21.78 11.33 10.03
CA ILE A 472 -22.17 12.61 10.63
C ILE A 472 -23.09 13.39 9.71
N HIS A 473 -23.71 12.72 8.74
CA HIS A 473 -24.57 13.38 7.77
C HIS A 473 -26.03 13.12 8.09
N ASP A 474 -26.84 14.18 8.02
CA ASP A 474 -28.21 14.14 8.52
C ASP A 474 -29.09 13.15 7.77
N GLU A 475 -28.75 12.81 6.53
CA GLU A 475 -29.49 11.77 5.82
C GLU A 475 -29.47 10.46 6.60
N TYR A 476 -28.34 10.15 7.21
CA TYR A 476 -28.17 8.95 8.02
C TYR A 476 -28.59 9.16 9.47
N GLY A 477 -28.99 10.37 9.84
CA GLY A 477 -29.42 10.64 11.19
C GLY A 477 -28.34 11.09 12.15
N ARG A 478 -27.18 11.53 11.64
CA ARG A 478 -26.08 12.03 12.46
C ARG A 478 -25.60 10.96 13.45
N ILE A 479 -25.02 9.90 12.86
CA ILE A 479 -24.37 8.87 13.67
C ILE A 479 -23.16 9.47 14.36
N ALA A 480 -23.01 9.18 15.65
CA ALA A 480 -21.89 9.68 16.44
C ALA A 480 -20.86 8.57 16.60
N CYS A 481 -19.61 8.87 16.28
CA CYS A 481 -18.54 7.89 16.28
C CYS A 481 -17.34 8.40 17.08
N SER A 482 -16.68 7.51 17.80
CA SER A 482 -15.41 7.80 18.45
C SER A 482 -14.27 7.46 17.51
N THR A 483 -13.11 8.06 17.78
CA THR A 483 -11.94 7.86 16.94
C THR A 483 -10.79 7.18 17.65
N ILE A 484 -10.91 6.91 18.95
CA ILE A 484 -9.86 6.26 19.72
C ILE A 484 -10.43 5.03 20.40
N ALA A 485 -9.67 3.95 20.39
CA ALA A 485 -10.14 2.67 20.91
C ALA A 485 -10.38 2.74 22.42
N ARG A 486 -11.43 2.06 22.86
CA ARG A 486 -11.77 1.99 24.27
C ARG A 486 -12.15 0.55 24.62
N GLY A 487 -12.01 0.21 25.90
CA GLY A 487 -12.31 -1.12 26.37
C GLY A 487 -11.09 -2.02 26.40
N LYS A 488 -11.17 -3.03 27.25
CA LYS A 488 -10.06 -3.97 27.39
C LYS A 488 -9.89 -4.79 26.12
N ARG A 489 -8.64 -5.01 25.74
CA ARG A 489 -8.30 -5.73 24.51
C ARG A 489 -7.68 -7.07 24.84
N GLU A 490 -7.99 -8.07 24.03
CA GLU A 490 -7.49 -9.43 24.23
C GLU A 490 -6.40 -9.73 23.21
N HIS A 491 -5.57 -10.72 23.54
CA HIS A 491 -4.50 -11.17 22.67
C HIS A 491 -4.85 -12.54 22.09
N GLY A 492 -4.91 -12.62 20.77
CA GLY A 492 -5.25 -13.87 20.11
C GLY A 492 -5.77 -13.60 18.71
N LYS A 493 -6.35 -14.65 18.13
CA LYS A 493 -6.92 -14.59 16.80
C LYS A 493 -8.31 -15.20 16.82
N TYR A 494 -9.28 -14.47 16.29
CA TYR A 494 -10.61 -15.03 16.08
C TYR A 494 -10.59 -15.93 14.86
N PRO A 495 -11.54 -16.87 14.77
CA PRO A 495 -11.55 -17.77 13.61
C PRO A 495 -11.66 -17.00 12.31
N GLY A 496 -10.89 -17.43 11.31
CA GLY A 496 -10.84 -16.73 10.05
C GLY A 496 -11.53 -17.45 8.92
N ALA A 497 -11.03 -17.27 7.71
CA ALA A 497 -11.63 -17.90 6.54
C ALA A 497 -11.40 -19.41 6.56
N PHE A 498 -12.17 -20.11 5.73
CA PHE A 498 -12.07 -21.56 5.61
C PHE A 498 -11.36 -21.92 4.31
N VAL A 499 -10.35 -22.77 4.42
CA VAL A 499 -9.61 -23.26 3.26
C VAL A 499 -9.92 -24.74 3.10
N ILE A 500 -10.44 -25.10 1.93
CA ILE A 500 -10.80 -26.49 1.66
C ILE A 500 -9.53 -27.29 1.36
N ASP A 501 -9.41 -28.46 1.99
CA ASP A 501 -8.30 -29.36 1.70
C ASP A 501 -8.32 -29.71 0.22
N PRO A 502 -7.33 -29.25 -0.54
CA PRO A 502 -7.38 -29.44 -2.00
C PRO A 502 -7.27 -30.90 -2.38
N VAL A 503 -7.86 -31.24 -3.52
CA VAL A 503 -7.65 -32.55 -4.11
C VAL A 503 -6.31 -32.49 -4.82
N LYS A 504 -5.25 -32.82 -4.10
CA LYS A 504 -3.90 -32.63 -4.61
C LYS A 504 -3.66 -33.51 -5.83
N GLY A 505 -2.87 -32.98 -6.76
CA GLY A 505 -2.48 -33.72 -7.95
C GLY A 505 -2.83 -32.98 -9.22
N LEU A 506 -2.20 -33.43 -10.30
CA LEU A 506 -2.38 -32.83 -11.60
C LEU A 506 -3.71 -33.26 -12.22
N GLU A 507 -4.36 -32.34 -12.91
CA GLU A 507 -5.60 -32.60 -13.62
C GLU A 507 -5.42 -32.12 -15.06
N GLN A 508 -5.53 -33.05 -16.00
CA GLN A 508 -5.36 -32.77 -17.43
C GLN A 508 -6.57 -33.16 -18.25
N ASP A 509 -7.63 -33.67 -17.63
CA ASP A 509 -8.82 -34.13 -18.35
C ASP A 509 -10.06 -33.33 -18.02
N LYS A 510 -10.27 -32.99 -16.74
CA LYS A 510 -11.44 -32.23 -16.34
C LYS A 510 -11.06 -30.77 -16.18
N PRO A 511 -11.51 -29.87 -17.04
CA PRO A 511 -11.17 -28.45 -16.87
C PRO A 511 -11.72 -27.93 -15.55
N THR A 512 -10.90 -27.13 -14.87
CA THR A 512 -11.26 -26.60 -13.56
C THR A 512 -11.41 -25.09 -13.66
N THR A 513 -12.55 -24.59 -13.23
CA THR A 513 -12.86 -23.17 -13.28
C THR A 513 -12.97 -22.62 -11.87
N GLY A 514 -12.27 -21.52 -11.61
CA GLY A 514 -12.42 -20.82 -10.36
C GLY A 514 -13.59 -19.87 -10.40
N LEU A 515 -14.55 -20.09 -9.53
CA LEU A 515 -15.63 -19.13 -9.29
C LEU A 515 -15.35 -18.40 -8.00
N ASP A 516 -15.28 -17.07 -8.07
CA ASP A 516 -14.90 -16.25 -6.94
C ASP A 516 -16.04 -15.33 -6.55
N PHE A 517 -16.17 -15.09 -5.24
CA PHE A 517 -17.13 -14.11 -4.75
C PHE A 517 -16.60 -12.71 -5.07
N ALA A 518 -17.45 -11.87 -5.65
CA ALA A 518 -17.07 -10.49 -5.94
C ALA A 518 -17.13 -9.67 -4.67
N SER A 519 -15.96 -9.29 -4.15
CA SER A 519 -15.85 -8.54 -2.89
C SER A 519 -16.57 -9.30 -1.75
N LEU A 520 -16.00 -10.46 -1.44
CA LEU A 520 -16.67 -11.42 -0.55
C LEU A 520 -17.05 -10.78 0.78
N TYR A 521 -16.06 -10.32 1.53
CA TYR A 521 -16.35 -9.72 2.84
C TYR A 521 -17.21 -8.46 2.73
N PRO A 522 -16.93 -7.51 1.83
CA PRO A 522 -17.88 -6.40 1.67
C PRO A 522 -19.27 -6.86 1.28
N SER A 523 -19.39 -7.86 0.41
CA SER A 523 -20.71 -8.34 0.02
C SER A 523 -21.44 -8.95 1.20
N LEU A 524 -20.72 -9.68 2.05
CA LEU A 524 -21.34 -10.22 3.25
C LEU A 524 -21.78 -9.11 4.19
N ILE A 525 -20.98 -8.04 4.28
CA ILE A 525 -21.37 -6.90 5.10
C ILE A 525 -22.67 -6.29 4.58
N MET A 526 -22.78 -6.13 3.27
CA MET A 526 -24.01 -5.57 2.68
C MET A 526 -25.19 -6.52 2.88
N ALA A 527 -24.97 -7.82 2.68
CA ALA A 527 -26.08 -8.78 2.68
C ALA A 527 -26.61 -9.01 4.08
N TYR A 528 -25.73 -9.19 5.05
CA TYR A 528 -26.13 -9.45 6.43
C TYR A 528 -26.18 -8.19 7.28
N ASN A 529 -25.97 -7.02 6.67
CA ASN A 529 -26.04 -5.74 7.38
C ASN A 529 -25.08 -5.71 8.56
N PHE A 530 -23.86 -6.20 8.33
CA PHE A 530 -22.83 -6.21 9.37
C PHE A 530 -22.40 -4.77 9.65
N SER A 531 -22.88 -4.21 10.76
CA SER A 531 -22.52 -2.85 11.12
C SER A 531 -22.68 -2.69 12.62
N PRO A 532 -21.80 -1.93 13.28
CA PRO A 532 -21.90 -1.80 14.75
C PRO A 532 -23.21 -1.21 15.22
N GLU A 533 -23.81 -0.30 14.45
CA GLU A 533 -25.09 0.28 14.85
C GLU A 533 -26.26 -0.64 14.56
N LYS A 534 -26.04 -1.78 13.92
CA LYS A 534 -27.06 -2.80 13.71
C LYS A 534 -26.76 -4.07 14.49
N PHE A 535 -25.91 -3.99 15.50
CA PHE A 535 -25.43 -5.15 16.23
C PHE A 535 -26.16 -5.29 17.56
N VAL A 536 -26.62 -6.50 17.86
CA VAL A 536 -27.26 -6.83 19.12
C VAL A 536 -26.42 -7.89 19.81
N ALA A 537 -26.09 -7.66 21.08
CA ALA A 537 -25.18 -8.53 21.82
C ALA A 537 -25.88 -9.47 22.79
N SER A 538 -27.02 -9.08 23.35
CA SER A 538 -27.69 -9.88 24.36
C SER A 538 -28.78 -10.73 23.74
N ARG A 539 -28.87 -11.99 24.19
CA ARG A 539 -29.80 -12.94 23.58
C ARG A 539 -31.25 -12.53 23.79
N ASP A 540 -31.59 -12.02 24.99
CA ASP A 540 -32.97 -11.63 25.25
C ASP A 540 -33.42 -10.50 24.34
N GLU A 541 -32.53 -9.54 24.08
CA GLU A 541 -32.86 -8.46 23.15
C GLU A 541 -33.09 -9.01 21.74
N ALA A 542 -32.28 -9.98 21.33
CA ALA A 542 -32.48 -10.60 20.01
C ALA A 542 -33.82 -11.31 19.94
N ASN A 543 -34.19 -12.03 21.00
CA ASN A 543 -35.47 -12.72 21.02
C ASN A 543 -36.62 -11.71 20.98
N SER A 544 -36.49 -10.60 21.70
CA SER A 544 -37.51 -9.56 21.65
C SER A 544 -37.64 -8.98 20.25
N LEU A 545 -36.50 -8.78 19.57
CA LEU A 545 -36.53 -8.28 18.20
C LEU A 545 -37.20 -9.28 17.26
N MET A 546 -36.96 -10.57 17.46
CA MET A 546 -37.71 -11.58 16.72
C MET A 546 -39.20 -11.46 16.99
N ALA A 547 -39.59 -11.24 18.24
CA ALA A 547 -41.00 -11.10 18.58
C ALA A 547 -41.65 -9.95 17.83
N LYS A 548 -40.88 -8.91 17.51
CA LYS A 548 -41.38 -7.77 16.75
C LYS A 548 -41.29 -8.00 15.24
N GLY A 549 -40.83 -9.17 14.80
CA GLY A 549 -40.81 -9.51 13.40
C GLY A 549 -39.55 -9.14 12.65
N GLU A 550 -38.56 -8.55 13.31
CA GLU A 550 -37.33 -8.18 12.64
C GLU A 550 -36.45 -9.40 12.41
N SER A 551 -35.85 -9.48 11.23
CA SER A 551 -34.97 -10.58 10.87
C SER A 551 -33.55 -10.28 11.33
N LEU A 552 -32.97 -11.20 12.09
CA LEU A 552 -31.62 -11.04 12.62
C LEU A 552 -30.73 -12.18 12.15
N HIS A 553 -29.52 -11.84 11.74
CA HIS A 553 -28.49 -12.82 11.45
C HIS A 553 -27.73 -13.10 12.73
N TYR A 554 -27.77 -14.35 13.18
CA TYR A 554 -27.11 -14.76 14.41
C TYR A 554 -25.78 -15.42 14.08
N VAL A 555 -24.73 -15.04 14.81
CA VAL A 555 -23.40 -15.62 14.62
C VAL A 555 -22.82 -15.99 15.97
N SER A 556 -22.00 -17.02 15.97
CA SER A 556 -21.28 -17.46 17.16
C SER A 556 -19.96 -18.06 16.74
N PHE A 557 -18.92 -17.82 17.54
CA PHE A 557 -17.61 -18.37 17.25
C PHE A 557 -16.83 -18.53 18.55
N HIS A 558 -15.71 -19.24 18.47
CA HIS A 558 -14.86 -19.49 19.63
C HIS A 558 -13.63 -18.60 19.55
N PHE A 559 -13.51 -17.68 20.49
CA PHE A 559 -12.36 -16.79 20.60
C PHE A 559 -11.79 -16.91 22.00
N ASN A 560 -10.48 -17.15 22.10
CA ASN A 560 -9.81 -17.31 23.39
C ASN A 560 -10.50 -18.37 24.24
N ASN A 561 -10.94 -19.44 23.59
CA ASN A 561 -11.61 -20.57 24.26
C ASN A 561 -12.89 -20.13 24.96
N ARG A 562 -13.56 -19.11 24.44
CA ARG A 562 -14.86 -18.71 24.96
C ARG A 562 -15.79 -18.42 23.79
N LEU A 563 -17.09 -18.55 24.05
CA LEU A 563 -18.10 -18.40 23.00
C LEU A 563 -18.49 -16.93 22.87
N VAL A 564 -18.27 -16.37 21.69
CA VAL A 564 -18.69 -15.02 21.35
C VAL A 564 -19.91 -15.13 20.44
N GLU A 565 -21.04 -14.61 20.90
CA GLU A 565 -22.29 -14.64 20.16
C GLU A 565 -22.72 -13.21 19.84
N GLY A 566 -23.47 -13.08 18.75
CA GLY A 566 -23.96 -11.78 18.36
C GLY A 566 -25.11 -11.90 17.37
N TRP A 567 -25.87 -10.83 17.27
CA TRP A 567 -26.99 -10.74 16.33
C TRP A 567 -26.90 -9.42 15.59
N PHE A 568 -27.20 -9.46 14.29
CA PHE A 568 -27.17 -8.28 13.45
C PHE A 568 -28.53 -8.09 12.79
N VAL A 569 -29.05 -6.87 12.87
CA VAL A 569 -30.37 -6.57 12.32
C VAL A 569 -30.26 -6.49 10.80
N TRP A 570 -31.05 -7.31 10.11
CA TRP A 570 -31.04 -7.29 8.65
C TRP A 570 -31.73 -6.04 8.14
N HIS A 571 -31.22 -5.52 7.02
CA HIS A 571 -31.79 -4.31 6.43
C HIS A 571 -33.06 -4.58 5.64
N ASN A 572 -33.36 -5.83 5.31
CA ASN A 572 -34.56 -6.20 4.56
C ASN A 572 -34.62 -5.52 3.20
N ASN A 573 -33.44 -5.24 2.61
CA ASN A 573 -33.30 -4.55 1.34
C ASN A 573 -33.98 -3.18 1.34
N VAL A 574 -34.18 -2.61 2.51
CA VAL A 574 -34.77 -1.28 2.66
C VAL A 574 -33.63 -0.28 2.83
N PRO A 575 -33.54 0.75 1.98
CA PRO A 575 -32.46 1.74 2.15
C PRO A 575 -32.49 2.43 3.51
N ASP A 576 -33.66 2.58 4.12
CA ASP A 576 -33.74 3.18 5.43
C ASP A 576 -33.04 2.33 6.48
N LYS A 577 -33.20 1.01 6.40
CA LYS A 577 -32.61 0.09 7.37
C LYS A 577 -31.19 -0.32 7.00
N MET A 578 -30.64 0.19 5.89
CA MET A 578 -29.31 -0.18 5.48
C MET A 578 -28.29 0.38 6.47
N GLY A 579 -27.29 -0.44 6.83
CA GLY A 579 -26.34 -0.06 7.85
C GLY A 579 -25.28 0.92 7.35
N LEU A 580 -24.55 1.47 8.31
CA LEU A 580 -23.47 2.41 7.98
C LEU A 580 -22.36 1.75 7.19
N TYR A 581 -21.82 0.64 7.72
CA TYR A 581 -20.85 -0.15 6.96
C TYR A 581 -21.39 -0.58 5.60
N PRO A 582 -22.61 -1.13 5.49
CA PRO A 582 -23.13 -1.44 4.15
C PRO A 582 -23.25 -0.23 3.26
N LYS A 583 -23.61 0.95 3.78
CA LYS A 583 -23.74 2.13 2.92
C LYS A 583 -22.40 2.55 2.35
N VAL A 584 -21.39 2.67 3.22
CA VAL A 584 -20.05 3.05 2.74
C VAL A 584 -19.55 2.01 1.77
N LEU A 585 -19.81 0.73 2.03
CA LEU A 585 -19.34 -0.32 1.13
C LEU A 585 -20.11 -0.32 -0.19
N ILE A 586 -21.38 0.07 -0.19
CA ILE A 586 -22.12 0.23 -1.45
C ILE A 586 -21.46 1.32 -2.30
N ASP A 587 -21.15 2.45 -1.67
CA ASP A 587 -20.51 3.53 -2.44
C ASP A 587 -19.17 3.08 -3.00
N LEU A 588 -18.35 2.45 -2.16
CA LEU A 588 -17.04 1.98 -2.60
C LEU A 588 -17.18 0.91 -3.68
N LEU A 589 -18.17 0.03 -3.57
CA LEU A 589 -18.36 -1.03 -4.55
C LEU A 589 -18.86 -0.48 -5.87
N ASN A 590 -19.70 0.56 -5.84
CA ASN A 590 -20.10 1.22 -7.08
C ASN A 590 -18.90 1.84 -7.77
N LYS A 591 -18.03 2.50 -6.99
CA LYS A 591 -16.82 3.06 -7.57
C LYS A 591 -15.95 1.96 -8.19
N ARG A 592 -15.74 0.88 -7.45
CA ARG A 592 -14.90 -0.20 -7.96
C ARG A 592 -15.55 -0.92 -9.13
N THR A 593 -16.88 -1.00 -9.17
CA THR A 593 -17.57 -1.62 -10.29
C THR A 593 -17.40 -0.79 -11.55
N ALA A 594 -17.49 0.54 -11.43
CA ALA A 594 -17.20 1.40 -12.57
C ALA A 594 -15.76 1.20 -13.04
N LEU A 595 -14.82 1.16 -12.09
CA LEU A 595 -13.43 0.93 -12.45
C LEU A 595 -13.24 -0.43 -13.10
N LYS A 596 -13.94 -1.45 -12.62
CA LYS A 596 -13.78 -2.80 -13.15
C LYS A 596 -14.35 -2.93 -14.55
N GLN A 597 -15.51 -2.31 -14.80
CA GLN A 597 -16.06 -2.37 -16.16
C GLN A 597 -15.20 -1.56 -17.12
N GLU A 598 -14.64 -0.43 -16.67
CA GLU A 598 -13.71 0.31 -17.51
C GLU A 598 -12.47 -0.53 -17.80
N LEU A 599 -11.96 -1.24 -16.78
CA LEU A 599 -10.81 -2.12 -16.98
C LEU A 599 -11.14 -3.24 -17.95
N LYS A 600 -12.35 -3.80 -17.86
CA LYS A 600 -12.74 -4.89 -18.74
C LYS A 600 -12.84 -4.42 -20.19
N LYS A 601 -13.44 -3.25 -20.42
CA LYS A 601 -13.49 -2.74 -21.79
C LYS A 601 -12.10 -2.39 -22.30
N LEU A 602 -11.22 -1.89 -21.43
CA LEU A 602 -9.88 -1.58 -21.89
C LEU A 602 -9.10 -2.86 -22.19
N GLY A 603 -9.36 -3.92 -21.43
CA GLY A 603 -8.74 -5.20 -21.70
C GLY A 603 -9.22 -5.82 -23.00
N GLU A 604 -10.52 -5.67 -23.29
CA GLU A 604 -11.02 -6.21 -24.55
C GLU A 604 -10.61 -5.36 -25.74
N LYS A 605 -10.29 -4.07 -25.54
CA LYS A 605 -9.78 -3.29 -26.66
C LYS A 605 -8.29 -3.51 -26.84
N LYS A 606 -7.57 -3.85 -25.76
CA LYS A 606 -6.15 -4.13 -25.91
C LYS A 606 -5.90 -5.52 -26.48
N GLU A 607 -6.84 -6.44 -26.29
CA GLU A 607 -6.63 -7.82 -26.74
C GLU A 607 -6.76 -7.96 -28.24
N CYS A 608 -7.39 -7.01 -28.92
CA CYS A 608 -7.57 -7.06 -30.36
C CYS A 608 -6.48 -6.35 -31.14
N ILE A 609 -5.47 -5.81 -30.45
CA ILE A 609 -4.35 -5.14 -31.10
C ILE A 609 -3.07 -5.90 -30.78
N HIS A 610 -2.27 -6.14 -31.81
CA HIS A 610 -1.03 -6.89 -31.65
C HIS A 610 0.00 -6.05 -30.90
N GLU A 611 0.87 -6.74 -30.15
CA GLU A 611 1.74 -6.05 -29.20
C GLU A 611 2.82 -5.20 -29.88
N SER A 612 3.16 -5.50 -31.14
CA SER A 612 4.19 -4.72 -31.82
C SER A 612 3.70 -3.33 -32.22
N HIS A 613 2.40 -3.06 -32.10
CA HIS A 613 1.89 -1.74 -32.42
C HIS A 613 2.48 -0.70 -31.47
N PRO A 614 2.90 0.47 -31.98
CA PRO A 614 3.53 1.46 -31.10
C PRO A 614 2.65 1.92 -29.96
N GLY A 615 1.34 2.04 -30.17
CA GLY A 615 0.45 2.51 -29.13
C GLY A 615 0.04 1.47 -28.12
N PHE A 616 0.41 0.20 -28.31
CA PHE A 616 0.01 -0.84 -27.38
C PHE A 616 0.69 -0.69 -26.02
N LYS A 617 2.01 -0.50 -26.02
CA LYS A 617 2.79 -0.63 -24.79
C LYS A 617 2.26 0.26 -23.68
N GLU A 618 2.31 1.58 -23.88
CA GLU A 618 1.79 2.49 -22.88
C GLU A 618 0.33 2.18 -22.57
N LEU A 619 -0.46 1.82 -23.59
CA LEU A 619 -1.84 1.44 -23.37
C LEU A 619 -1.90 0.24 -22.42
N GLN A 620 -1.09 -0.78 -22.68
CA GLN A 620 -0.98 -1.89 -21.74
C GLN A 620 -0.64 -1.39 -20.35
N PHE A 621 0.33 -0.47 -20.25
CA PHE A 621 0.65 0.14 -18.96
C PHE A 621 -0.59 0.76 -18.34
N ARG A 622 -1.35 1.53 -19.12
CA ARG A 622 -2.57 2.13 -18.62
C ARG A 622 -3.47 1.06 -18.03
N HIS A 623 -3.60 -0.07 -18.71
CA HIS A 623 -4.40 -1.18 -18.20
C HIS A 623 -3.97 -1.53 -16.78
N ALA A 624 -2.67 -1.78 -16.60
CA ALA A 624 -2.17 -2.11 -15.27
C ALA A 624 -2.54 -1.01 -14.28
N MET A 625 -2.35 0.25 -14.67
CA MET A 625 -2.71 1.35 -13.80
C MET A 625 -4.15 1.22 -13.32
N VAL A 626 -5.08 1.04 -14.26
CA VAL A 626 -6.47 0.90 -13.87
C VAL A 626 -6.63 -0.27 -12.92
N ASP A 627 -6.02 -1.41 -13.25
CA ASP A 627 -6.07 -2.54 -12.34
C ASP A 627 -5.58 -2.14 -10.95
N ALA A 628 -4.41 -1.50 -10.89
CA ALA A 628 -3.89 -1.06 -9.60
C ALA A 628 -4.94 -0.25 -8.86
N LYS A 629 -5.57 0.71 -9.55
CA LYS A 629 -6.57 1.53 -8.89
C LYS A 629 -7.65 0.69 -8.26
N GLN A 630 -8.27 -0.22 -9.03
CA GLN A 630 -9.32 -1.02 -8.44
C GLN A 630 -8.76 -1.91 -7.35
N LYS A 631 -7.56 -2.45 -7.55
CA LYS A 631 -6.91 -3.21 -6.49
C LYS A 631 -6.86 -2.40 -5.21
N ALA A 632 -6.41 -1.14 -5.30
CA ALA A 632 -6.40 -0.28 -4.12
C ALA A 632 -7.77 -0.23 -3.49
N LEU A 633 -8.80 0.06 -4.29
CA LEU A 633 -10.15 0.11 -3.74
C LEU A 633 -10.49 -1.19 -3.04
N LYS A 634 -10.19 -2.32 -3.68
CA LYS A 634 -10.43 -3.61 -3.05
C LYS A 634 -9.77 -3.67 -1.69
N ILE A 635 -8.47 -3.37 -1.64
CA ILE A 635 -7.76 -3.38 -0.37
C ILE A 635 -8.46 -2.43 0.60
N PHE A 636 -8.79 -1.23 0.13
CA PHE A 636 -9.45 -0.26 0.99
C PHE A 636 -10.71 -0.86 1.60
N MET A 637 -11.57 -1.46 0.77
CA MET A 637 -12.78 -2.04 1.31
C MET A 637 -12.47 -3.17 2.28
N ASN A 638 -11.49 -4.00 1.94
CA ASN A 638 -11.11 -5.07 2.85
C ASN A 638 -10.62 -4.50 4.17
N THR A 639 -9.96 -3.33 4.13
CA THR A 639 -9.52 -2.70 5.36
C THR A 639 -10.68 -2.49 6.33
N PHE A 640 -11.86 -2.18 5.79
CA PHE A 640 -13.04 -2.03 6.64
C PHE A 640 -13.23 -3.27 7.51
N TYR A 641 -13.27 -4.44 6.87
CA TYR A 641 -13.28 -5.69 7.61
C TYR A 641 -12.17 -5.73 8.65
N GLY A 642 -10.93 -5.48 8.22
CA GLY A 642 -9.83 -5.52 9.16
C GLY A 642 -9.98 -4.51 10.27
N GLU A 643 -10.58 -3.36 9.95
CA GLU A 643 -10.68 -2.30 10.95
C GLU A 643 -11.69 -2.70 12.03
N ALA A 644 -12.55 -3.67 11.74
CA ALA A 644 -13.45 -4.18 12.77
C ALA A 644 -12.80 -5.29 13.58
N GLY A 645 -11.66 -5.82 13.13
CA GLY A 645 -11.00 -6.90 13.84
C GLY A 645 -9.76 -6.46 14.58
N ASN A 646 -9.32 -5.23 14.34
CA ASN A 646 -8.14 -4.68 14.99
C ASN A 646 -8.57 -4.09 16.34
N ASN A 647 -8.06 -4.68 17.42
CA ASN A 647 -8.47 -4.23 18.75
C ASN A 647 -8.01 -2.81 19.06
N LEU A 648 -6.98 -2.32 18.35
CA LEU A 648 -6.54 -0.95 18.52
C LEU A 648 -7.43 0.06 17.80
N SER A 649 -8.36 -0.41 16.98
CA SER A 649 -9.22 0.47 16.20
C SER A 649 -10.36 1.01 17.06
N PRO A 650 -10.78 2.26 16.84
CA PRO A 650 -12.00 2.74 17.50
C PRO A 650 -13.24 1.96 17.12
N PHE A 651 -13.31 1.48 15.88
CA PHE A 651 -14.45 0.72 15.40
C PHE A 651 -14.30 -0.77 15.64
N PHE A 652 -13.47 -1.17 16.59
CA PHE A 652 -13.24 -2.59 16.84
C PHE A 652 -14.52 -3.24 17.36
N LEU A 653 -14.92 -4.34 16.73
CA LEU A 653 -16.07 -5.12 17.15
C LEU A 653 -15.75 -6.57 16.82
N LEU A 654 -15.25 -7.30 17.81
CA LEU A 654 -14.95 -8.72 17.62
C LEU A 654 -16.14 -9.51 17.09
N PRO A 655 -17.37 -9.32 17.59
CA PRO A 655 -18.51 -10.02 16.96
C PRO A 655 -18.65 -9.71 15.49
N LEU A 656 -18.35 -8.49 15.04
CA LEU A 656 -18.53 -8.16 13.63
C LEU A 656 -17.53 -8.91 12.76
N ALA A 657 -16.25 -8.88 13.13
CA ALA A 657 -15.24 -9.59 12.34
C ALA A 657 -15.47 -11.10 12.39
N GLY A 658 -15.78 -11.62 13.56
CA GLY A 658 -16.10 -13.04 13.66
C GLY A 658 -17.31 -13.42 12.82
N GLY A 659 -18.32 -12.54 12.79
CA GLY A 659 -19.49 -12.80 11.99
C GLY A 659 -19.19 -12.76 10.51
N VAL A 660 -18.35 -11.83 10.08
CA VAL A 660 -17.96 -11.77 8.67
C VAL A 660 -17.24 -13.05 8.28
N THR A 661 -16.30 -13.50 9.12
CA THR A 661 -15.58 -14.74 8.82
C THR A 661 -16.50 -15.95 8.81
N SER A 662 -17.39 -16.04 9.81
CA SER A 662 -18.29 -17.19 9.89
C SER A 662 -19.28 -17.21 8.74
N SER A 663 -19.77 -16.03 8.35
CA SER A 663 -20.68 -15.95 7.21
C SER A 663 -19.96 -16.31 5.91
N GLY A 664 -18.70 -15.90 5.76
CA GLY A 664 -17.93 -16.33 4.61
C GLY A 664 -17.77 -17.84 4.57
N GLN A 665 -17.45 -18.44 5.71
CA GLN A 665 -17.32 -19.89 5.77
C GLN A 665 -18.64 -20.57 5.44
N TYR A 666 -19.74 -20.08 6.01
CA TYR A 666 -21.05 -20.67 5.77
C TYR A 666 -21.44 -20.57 4.30
N ASN A 667 -21.22 -19.40 3.69
CA ASN A 667 -21.56 -19.23 2.29
C ASN A 667 -20.70 -20.11 1.39
N LEU A 668 -19.40 -20.21 1.70
CA LEU A 668 -18.53 -21.09 0.93
C LEU A 668 -18.99 -22.54 1.02
N LYS A 669 -19.34 -22.99 2.23
CA LYS A 669 -19.80 -24.36 2.40
C LYS A 669 -21.15 -24.58 1.73
N LEU A 670 -22.02 -23.57 1.76
CA LEU A 670 -23.32 -23.69 1.10
C LEU A 670 -23.17 -23.82 -0.40
N VAL A 671 -22.32 -22.99 -1.01
CA VAL A 671 -22.09 -23.09 -2.44
C VAL A 671 -21.40 -24.42 -2.77
N TYR A 672 -20.49 -24.86 -1.91
CA TYR A 672 -19.85 -26.16 -2.09
C TYR A 672 -20.88 -27.29 -2.13
N ASN A 673 -21.78 -27.30 -1.15
CA ASN A 673 -22.79 -28.35 -1.10
C ASN A 673 -23.72 -28.28 -2.30
N PHE A 674 -24.13 -27.07 -2.69
CA PHE A 674 -25.03 -26.93 -3.85
C PHE A 674 -24.36 -27.42 -5.13
N VAL A 675 -23.09 -27.03 -5.33
CA VAL A 675 -22.37 -27.45 -6.54
C VAL A 675 -22.19 -28.96 -6.55
N ILE A 676 -21.84 -29.55 -5.41
CA ILE A 676 -21.69 -31.00 -5.34
C ILE A 676 -23.01 -31.69 -5.63
N ASN A 677 -24.10 -31.17 -5.06
CA ASN A 677 -25.42 -31.74 -5.30
C ASN A 677 -25.85 -31.64 -6.76
N LYS A 678 -25.34 -30.65 -7.49
CA LYS A 678 -25.62 -30.57 -8.92
C LYS A 678 -24.68 -31.44 -9.75
N GLY A 679 -23.87 -32.28 -9.12
CA GLY A 679 -23.04 -33.24 -9.82
C GLY A 679 -21.68 -32.74 -10.24
N TYR A 680 -21.39 -31.46 -10.06
CA TYR A 680 -20.09 -30.93 -10.42
C TYR A 680 -19.06 -31.28 -9.35
N GLY A 681 -17.85 -31.59 -9.79
CA GLY A 681 -16.76 -31.85 -8.87
C GLY A 681 -16.04 -30.57 -8.45
N ILE A 682 -15.52 -30.58 -7.23
CA ILE A 682 -14.82 -29.43 -6.67
C ILE A 682 -13.43 -29.89 -6.26
N LYS A 683 -12.42 -29.14 -6.71
CA LYS A 683 -11.02 -29.49 -6.46
C LYS A 683 -10.42 -28.76 -5.27
N TYR A 684 -10.72 -27.47 -5.12
CA TYR A 684 -10.07 -26.66 -4.10
C TYR A 684 -10.98 -25.50 -3.71
N GLY A 685 -10.78 -25.00 -2.50
CA GLY A 685 -11.51 -23.84 -2.03
C GLY A 685 -10.63 -22.99 -1.14
N ASP A 686 -10.83 -21.67 -1.24
CA ASP A 686 -10.00 -20.73 -0.49
C ASP A 686 -10.85 -19.49 -0.20
N THR A 687 -11.30 -19.36 1.05
CA THR A 687 -12.00 -18.17 1.52
C THR A 687 -13.30 -17.96 0.76
N ASP A 688 -13.18 -17.61 -0.53
CA ASP A 688 -14.33 -17.39 -1.39
C ASP A 688 -14.26 -18.10 -2.72
N SER A 689 -13.07 -18.45 -3.21
CA SER A 689 -12.94 -19.08 -4.50
C SER A 689 -13.17 -20.58 -4.39
N LEU A 690 -14.00 -21.11 -5.29
CA LEU A 690 -14.23 -22.54 -5.43
C LEU A 690 -13.81 -22.98 -6.82
N TYR A 691 -12.99 -24.01 -6.91
CA TYR A 691 -12.51 -24.51 -8.19
C TYR A 691 -13.32 -25.75 -8.54
N ILE A 692 -14.09 -25.66 -9.61
CA ILE A 692 -15.15 -26.61 -9.94
C ILE A 692 -14.86 -27.23 -11.29
N THR A 693 -15.16 -28.52 -11.42
CA THR A 693 -14.99 -29.26 -12.66
C THR A 693 -16.34 -29.74 -13.17
N CYS A 694 -16.50 -29.70 -14.49
CA CYS A 694 -17.75 -30.18 -15.08
C CYS A 694 -17.80 -31.71 -15.00
N PRO A 695 -19.00 -32.28 -14.99
CA PRO A 695 -19.12 -33.74 -15.09
C PRO A 695 -18.62 -34.21 -16.44
N ASP A 696 -18.10 -35.44 -16.46
CA ASP A 696 -17.55 -36.00 -17.70
C ASP A 696 -18.60 -36.12 -18.78
N SER A 697 -19.87 -36.35 -18.40
CA SER A 697 -20.93 -36.48 -19.39
C SER A 697 -21.02 -35.25 -20.28
N LEU A 698 -20.83 -34.07 -19.69
CA LEU A 698 -20.90 -32.83 -20.47
C LEU A 698 -19.85 -32.79 -21.57
N TYR A 699 -18.74 -33.50 -21.40
CA TYR A 699 -17.69 -33.57 -22.41
C TYR A 699 -17.74 -34.85 -23.23
N THR A 700 -18.84 -35.61 -23.14
CA THR A 700 -18.92 -36.89 -23.84
C THR A 700 -18.82 -36.72 -25.35
N GLU A 701 -19.79 -36.02 -25.94
CA GLU A 701 -19.93 -36.00 -27.39
C GLU A 701 -18.68 -35.45 -28.06
N VAL A 702 -18.13 -34.36 -27.55
CA VAL A 702 -16.91 -33.79 -28.14
C VAL A 702 -15.77 -34.79 -28.04
N THR A 703 -15.66 -35.47 -26.90
CA THR A 703 -14.66 -36.53 -26.78
C THR A 703 -14.87 -37.59 -27.85
N ASP A 704 -16.13 -37.93 -28.12
CA ASP A 704 -16.43 -38.89 -29.17
C ASP A 704 -15.82 -38.46 -30.49
N ALA A 705 -15.85 -37.16 -30.79
CA ALA A 705 -15.20 -36.67 -32.00
C ALA A 705 -13.73 -37.04 -31.99
N TYR A 706 -13.03 -36.74 -30.90
CA TYR A 706 -11.63 -37.16 -30.79
C TYR A 706 -11.52 -38.68 -30.81
N LEU A 707 -12.53 -39.37 -30.29
CA LEU A 707 -12.52 -40.83 -30.36
C LEU A 707 -12.77 -41.32 -31.78
N ASN A 708 -13.48 -40.53 -32.59
CA ASN A 708 -13.81 -40.94 -33.95
C ASN A 708 -12.80 -40.47 -34.98
N SER A 709 -11.77 -39.74 -34.56
CA SER A 709 -10.71 -39.30 -35.46
C SER A 709 -9.48 -40.18 -35.30
N GLN A 710 -8.43 -39.85 -36.04
CA GLN A 710 -7.16 -40.57 -35.90
C GLN A 710 -6.32 -40.05 -34.75
N LYS A 711 -6.82 -39.05 -34.01
CA LYS A 711 -6.21 -38.59 -32.77
C LYS A 711 -4.79 -38.06 -32.97
N THR A 712 -4.62 -37.06 -33.82
CA THR A 712 -3.34 -36.39 -33.92
C THR A 712 -3.19 -35.40 -32.77
N ILE A 713 -2.02 -34.75 -32.73
CA ILE A 713 -1.77 -33.75 -31.70
C ILE A 713 -2.73 -32.58 -31.84
N LYS A 714 -2.95 -32.12 -33.08
CA LYS A 714 -3.85 -31.00 -33.28
C LYS A 714 -5.30 -31.40 -33.00
N HIS A 715 -5.65 -32.67 -33.21
CA HIS A 715 -6.96 -33.14 -32.82
C HIS A 715 -7.18 -32.99 -31.32
N TYR A 716 -6.19 -33.39 -30.51
CA TYR A 716 -6.36 -33.27 -29.07
C TYR A 716 -6.32 -31.81 -28.62
N GLU A 717 -5.51 -30.99 -29.29
CA GLU A 717 -5.51 -29.56 -28.99
C GLU A 717 -6.88 -28.94 -29.26
N GLN A 718 -7.48 -29.29 -30.40
CA GLN A 718 -8.84 -28.83 -30.68
C GLN A 718 -9.82 -29.33 -29.64
N LEU A 719 -9.73 -30.62 -29.29
CA LEU A 719 -10.63 -31.19 -28.31
C LEU A 719 -10.55 -30.44 -26.98
N CYS A 720 -9.33 -30.13 -26.55
CA CYS A 720 -9.16 -29.27 -25.38
C CYS A 720 -9.78 -27.90 -25.60
N HIS A 721 -9.71 -27.38 -26.83
CA HIS A 721 -10.30 -26.08 -27.10
C HIS A 721 -11.80 -26.07 -26.85
N GLU A 722 -12.54 -27.03 -27.43
CA GLU A 722 -13.98 -26.99 -27.17
C GLU A 722 -14.32 -27.52 -25.79
N LYS A 723 -13.43 -28.30 -25.15
CA LYS A 723 -13.63 -28.62 -23.75
C LYS A 723 -13.59 -27.36 -22.90
N VAL A 724 -12.66 -26.46 -23.20
CA VAL A 724 -12.58 -25.20 -22.46
C VAL A 724 -13.79 -24.30 -22.78
N LEU A 725 -14.24 -24.30 -24.04
CA LEU A 725 -15.44 -23.53 -24.38
C LEU A 725 -16.65 -24.05 -23.63
N LEU A 726 -16.85 -25.37 -23.61
CA LEU A 726 -17.97 -25.96 -22.90
C LEU A 726 -17.85 -25.69 -21.40
N SER A 727 -16.64 -25.65 -20.92
CA SER A 727 -16.44 -25.34 -19.54
C SER A 727 -16.95 -23.95 -19.31
N MET A 728 -16.44 -23.01 -20.07
CA MET A 728 -16.80 -21.61 -19.86
C MET A 728 -18.31 -21.42 -19.87
N LYS A 729 -18.99 -22.01 -20.85
CA LYS A 729 -20.45 -21.82 -20.92
C LYS A 729 -21.17 -22.52 -19.77
N ALA A 730 -20.74 -23.73 -19.43
CA ALA A 730 -21.36 -24.47 -18.33
C ALA A 730 -21.14 -23.76 -17.00
N MET A 731 -19.94 -23.24 -16.76
CA MET A 731 -19.69 -22.45 -15.56
C MET A 731 -20.43 -21.13 -15.58
N SER A 732 -20.68 -20.54 -16.75
CA SER A 732 -21.51 -19.35 -16.78
C SER A 732 -22.93 -19.65 -16.34
N THR A 733 -23.50 -20.74 -16.88
CA THR A 733 -24.85 -21.15 -16.47
C THR A 733 -24.89 -21.52 -15.00
N LEU A 734 -23.88 -22.27 -14.53
CA LEU A 734 -23.83 -22.67 -13.13
C LEU A 734 -23.64 -21.46 -12.22
N CYS A 735 -22.87 -20.47 -12.67
CA CYS A 735 -22.68 -19.25 -11.90
C CYS A 735 -23.99 -18.49 -11.78
N ALA A 736 -24.76 -18.40 -12.88
CA ALA A 736 -26.06 -17.75 -12.80
C ALA A 736 -26.99 -18.50 -11.85
N GLU A 737 -27.01 -19.83 -11.94
CA GLU A 737 -27.86 -20.63 -11.07
C GLU A 737 -27.45 -20.48 -9.61
N VAL A 738 -26.15 -20.46 -9.34
CA VAL A 738 -25.66 -20.33 -7.97
C VAL A 738 -25.96 -18.95 -7.42
N ASN A 739 -25.83 -17.91 -8.27
CA ASN A 739 -26.20 -16.57 -7.84
C ASN A 739 -27.68 -16.49 -7.50
N GLU A 740 -28.53 -17.11 -8.32
CA GLU A 740 -29.96 -17.14 -8.01
C GLU A 740 -30.23 -17.90 -6.71
N TYR A 741 -29.53 -19.01 -6.51
CA TYR A 741 -29.69 -19.77 -5.27
C TYR A 741 -29.28 -18.95 -4.05
N LEU A 742 -28.17 -18.22 -4.16
CA LEU A 742 -27.73 -17.36 -3.06
C LEU A 742 -28.72 -16.24 -2.82
N ARG A 743 -29.28 -15.67 -3.90
CA ARG A 743 -30.29 -14.63 -3.75
C ARG A 743 -31.52 -15.17 -3.03
N GLN A 744 -31.94 -16.38 -3.36
CA GLN A 744 -33.07 -16.99 -2.66
C GLN A 744 -32.71 -17.29 -1.21
N ASP A 745 -31.45 -17.63 -0.94
CA ASP A 745 -31.05 -18.00 0.42
C ASP A 745 -31.00 -16.78 1.33
N ASN A 746 -30.12 -15.82 1.01
CA ASN A 746 -29.90 -14.68 1.88
C ASN A 746 -30.84 -13.51 1.58
N GLY A 747 -31.59 -13.55 0.49
CA GLY A 747 -32.56 -12.51 0.20
C GLY A 747 -32.01 -11.28 -0.50
N THR A 748 -30.71 -11.22 -0.75
CA THR A 748 -30.09 -10.07 -1.40
C THR A 748 -29.26 -10.53 -2.58
N SER A 749 -28.98 -9.60 -3.49
CA SER A 749 -28.17 -9.86 -4.66
C SER A 749 -26.71 -9.46 -4.48
N TYR A 750 -26.32 -9.03 -3.28
CA TYR A 750 -24.94 -8.63 -3.05
C TYR A 750 -23.99 -9.82 -3.20
N LEU A 751 -24.38 -10.97 -2.69
CA LEU A 751 -23.54 -12.17 -2.76
C LEU A 751 -23.66 -12.77 -4.15
N ARG A 752 -22.67 -12.51 -4.99
CA ARG A 752 -22.65 -12.99 -6.37
C ARG A 752 -21.35 -13.73 -6.65
N MET A 753 -21.46 -14.86 -7.32
CA MET A 753 -20.31 -15.58 -7.81
C MET A 753 -19.91 -15.02 -9.17
N ALA A 754 -18.64 -15.21 -9.53
CA ALA A 754 -18.14 -14.67 -10.79
C ALA A 754 -17.09 -15.61 -11.38
N TYR A 755 -17.20 -15.83 -12.68
CA TYR A 755 -16.18 -16.55 -13.42
C TYR A 755 -15.09 -15.59 -13.87
N GLU A 756 -13.83 -16.01 -13.70
CA GLU A 756 -12.69 -15.18 -14.04
C GLU A 756 -11.76 -15.84 -15.05
N GLU A 757 -11.33 -17.08 -14.83
CA GLU A 757 -10.67 -17.80 -15.92
C GLU A 757 -10.95 -19.28 -15.76
N VAL A 758 -10.44 -20.06 -16.70
CA VAL A 758 -10.52 -21.52 -16.69
C VAL A 758 -9.11 -22.06 -16.64
N LEU A 759 -8.84 -22.95 -15.69
CA LEU A 759 -7.55 -23.63 -15.57
C LEU A 759 -7.78 -25.09 -15.96
N PHE A 760 -7.68 -25.38 -17.27
CA PHE A 760 -7.94 -26.75 -17.71
C PHE A 760 -6.83 -27.71 -17.29
N PRO A 761 -5.55 -27.48 -17.66
CA PRO A 761 -4.49 -28.24 -16.98
C PRO A 761 -4.12 -27.55 -15.69
N VAL A 762 -4.40 -28.16 -14.54
CA VAL A 762 -4.25 -27.47 -13.27
C VAL A 762 -3.73 -28.44 -12.22
N CYS A 763 -2.78 -27.97 -11.42
CA CYS A 763 -2.21 -28.77 -10.35
C CYS A 763 -2.38 -28.04 -9.03
N PHE A 764 -3.04 -28.71 -8.07
CA PHE A 764 -3.16 -28.23 -6.71
C PHE A 764 -2.21 -29.06 -5.85
N THR A 765 -1.21 -28.41 -5.26
CA THR A 765 -0.20 -29.12 -4.46
C THR A 765 -0.47 -29.04 -2.97
N GLY A 766 -1.24 -28.05 -2.52
CA GLY A 766 -1.52 -27.90 -1.12
C GLY A 766 -2.40 -26.68 -0.90
N LYS A 767 -2.69 -26.42 0.36
CA LYS A 767 -3.49 -25.26 0.72
C LYS A 767 -2.77 -23.99 0.29
N LYS A 768 -3.50 -23.14 -0.44
CA LYS A 768 -2.95 -21.89 -0.99
C LYS A 768 -1.73 -22.16 -1.86
N LYS A 769 -1.70 -23.29 -2.55
CA LYS A 769 -0.57 -23.64 -3.41
C LYS A 769 -1.13 -24.39 -4.62
N TYR A 770 -1.24 -23.68 -5.74
CA TYR A 770 -1.75 -24.28 -6.96
C TYR A 770 -1.26 -23.47 -8.16
N TYR A 771 -1.41 -24.06 -9.34
CA TYR A 771 -1.02 -23.39 -10.57
C TYR A 771 -1.74 -24.05 -11.73
N GLY A 772 -1.70 -23.37 -12.87
CA GLY A 772 -2.35 -23.88 -14.07
C GLY A 772 -2.21 -22.90 -15.20
N ILE A 773 -2.80 -23.25 -16.34
CA ILE A 773 -2.83 -22.39 -17.51
C ILE A 773 -4.16 -21.67 -17.53
N ALA A 774 -4.12 -20.34 -17.60
CA ALA A 774 -5.31 -19.53 -17.46
C ALA A 774 -5.90 -19.19 -18.83
N HIS A 775 -7.19 -19.42 -19.00
CA HIS A 775 -7.93 -19.03 -20.19
C HIS A 775 -9.08 -18.14 -19.75
N VAL A 776 -9.03 -16.87 -20.14
CA VAL A 776 -10.02 -15.89 -19.71
C VAL A 776 -11.20 -15.81 -20.68
N ASN A 777 -10.93 -15.61 -21.97
CA ASN A 777 -11.99 -15.51 -22.97
C ASN A 777 -11.94 -16.65 -23.97
N THR A 778 -10.77 -16.95 -24.52
CA THR A 778 -10.60 -18.04 -25.46
C THR A 778 -9.43 -18.92 -25.02
N PRO A 779 -9.47 -20.22 -25.32
CA PRO A 779 -8.35 -21.09 -24.95
C PRO A 779 -7.08 -20.68 -25.66
N ASN A 780 -5.99 -20.66 -24.91
CA ASN A 780 -4.67 -20.35 -25.48
C ASN A 780 -3.64 -21.11 -24.65
N PHE A 781 -3.27 -22.30 -25.12
CA PHE A 781 -2.26 -23.11 -24.45
C PHE A 781 -0.84 -22.72 -24.85
N ASN A 782 -0.69 -21.75 -25.74
CA ASN A 782 0.62 -21.28 -26.18
C ASN A 782 1.16 -20.16 -25.31
N THR A 783 0.53 -19.91 -24.15
CA THR A 783 0.98 -18.87 -23.24
C THR A 783 2.05 -19.43 -22.31
N LYS A 784 3.24 -18.85 -22.37
CA LYS A 784 4.31 -19.28 -21.48
C LYS A 784 4.03 -18.91 -20.03
N GLU A 785 3.32 -17.81 -19.78
CA GLU A 785 2.96 -17.43 -18.43
C GLU A 785 1.92 -18.40 -17.88
N LEU A 786 2.00 -18.64 -16.57
CA LEU A 786 1.11 -19.56 -15.89
C LEU A 786 0.47 -18.88 -14.69
N PHE A 787 -0.83 -19.12 -14.50
CA PHE A 787 -1.51 -18.69 -13.30
C PHE A 787 -0.95 -19.45 -12.11
N ILE A 788 -0.30 -18.74 -11.19
CA ILE A 788 0.43 -19.34 -10.09
C ILE A 788 -0.01 -18.68 -8.79
N ARG A 789 -0.31 -19.48 -7.76
CA ARG A 789 -0.70 -18.96 -6.46
C ARG A 789 -0.02 -19.78 -5.39
N GLY A 790 0.92 -19.16 -4.66
CA GLY A 790 1.51 -19.76 -3.49
C GLY A 790 2.77 -20.57 -3.71
N ILE A 791 3.13 -20.86 -4.96
CA ILE A 791 4.34 -21.62 -5.22
C ILE A 791 5.55 -20.78 -4.83
N ASP A 792 6.61 -21.45 -4.38
CA ASP A 792 7.76 -20.76 -3.80
C ASP A 792 8.54 -19.92 -4.78
N ILE A 793 8.33 -20.09 -6.09
CA ILE A 793 9.11 -19.33 -7.06
C ILE A 793 8.76 -17.84 -6.99
N ILE A 794 7.51 -17.52 -6.65
CA ILE A 794 7.09 -16.12 -6.56
C ILE A 794 7.38 -15.52 -5.20
N LYS A 795 7.99 -16.29 -4.30
CA LYS A 795 8.27 -15.78 -2.95
C LYS A 795 9.33 -14.69 -3.00
N GLN A 796 9.17 -13.70 -2.13
CA GLN A 796 10.17 -12.65 -2.00
C GLN A 796 11.46 -13.22 -1.42
N GLY A 797 12.59 -12.74 -1.93
CA GLY A 797 13.88 -13.21 -1.45
C GLY A 797 14.24 -14.61 -1.86
N GLN A 798 13.61 -15.15 -2.89
CA GLN A 798 13.89 -16.50 -3.34
C GLN A 798 15.02 -16.51 -4.35
N THR A 799 15.80 -17.59 -4.35
CA THR A 799 16.91 -17.71 -5.27
C THR A 799 16.40 -17.86 -6.70
N LYS A 800 17.22 -17.42 -7.66
CA LYS A 800 16.90 -17.67 -9.06
C LYS A 800 16.96 -19.15 -9.39
N LEU A 801 17.77 -19.92 -8.66
CA LEU A 801 17.81 -21.36 -8.84
C LEU A 801 16.45 -21.99 -8.53
N THR A 802 15.86 -21.61 -7.39
CA THR A 802 14.56 -22.14 -7.03
C THR A 802 13.50 -21.75 -8.04
N LYS A 803 13.53 -20.48 -8.50
CA LYS A 803 12.56 -20.03 -9.49
C LYS A 803 12.70 -20.83 -10.79
N THR A 804 13.94 -21.05 -11.24
CA THR A 804 14.15 -21.80 -12.47
C THR A 804 13.65 -23.22 -12.34
N ILE A 805 13.96 -23.89 -11.22
CA ILE A 805 13.52 -25.27 -11.04
C ILE A 805 12.01 -25.36 -10.99
N GLY A 806 11.37 -24.46 -10.22
CA GLY A 806 9.92 -24.48 -10.13
C GLY A 806 9.25 -24.19 -11.46
N THR A 807 9.79 -23.24 -12.22
CA THR A 807 9.25 -22.94 -13.53
C THR A 807 9.38 -24.13 -14.47
N ARG A 808 10.52 -24.83 -14.42
CA ARG A 808 10.67 -26.03 -15.22
C ARG A 808 9.65 -27.09 -14.84
N ILE A 809 9.45 -27.29 -13.53
CA ILE A 809 8.47 -28.27 -13.06
C ILE A 809 7.08 -27.93 -13.60
N MET A 810 6.66 -26.68 -13.44
CA MET A 810 5.30 -26.31 -13.80
C MET A 810 5.10 -26.31 -15.30
N GLU A 811 6.10 -25.85 -16.07
CA GLU A 811 5.95 -25.87 -17.52
C GLU A 811 5.96 -27.29 -18.06
N GLU A 812 6.69 -28.21 -17.42
CA GLU A 812 6.62 -29.60 -17.85
C GLU A 812 5.30 -30.24 -17.47
N SER A 813 4.73 -29.86 -16.32
CA SER A 813 3.47 -30.46 -15.90
C SER A 813 2.28 -29.93 -16.69
N MET A 814 2.34 -28.68 -17.15
CA MET A 814 1.24 -28.06 -17.88
C MET A 814 1.22 -28.40 -19.35
N LYS A 815 2.20 -29.16 -19.85
CA LYS A 815 2.21 -29.53 -21.25
C LYS A 815 1.01 -30.41 -21.59
N LEU A 816 0.35 -30.12 -22.70
CA LEU A 816 -0.79 -30.93 -23.12
C LEU A 816 -0.31 -32.26 -23.66
N ARG A 817 -0.91 -33.35 -23.16
CA ARG A 817 -0.56 -34.69 -23.58
C ARG A 817 -1.84 -35.49 -23.78
N ARG A 818 -1.93 -36.19 -24.91
CA ARG A 818 -3.07 -37.04 -25.16
C ARG A 818 -3.11 -38.19 -24.17
N PRO A 819 -4.32 -38.61 -23.74
CA PRO A 819 -4.41 -39.73 -22.80
C PRO A 819 -3.78 -41.00 -23.35
N GLU A 820 -3.85 -41.22 -24.66
CA GLU A 820 -3.19 -42.38 -25.26
C GLU A 820 -1.67 -42.28 -25.11
N ASP A 821 -1.13 -41.08 -25.27
CA ASP A 821 0.30 -40.87 -25.10
C ASP A 821 0.70 -41.03 -23.64
N HIS A 822 2.00 -41.15 -23.42
CA HIS A 822 2.52 -41.30 -22.06
C HIS A 822 2.26 -40.03 -21.26
N ARG A 823 1.71 -40.20 -20.06
CA ARG A 823 1.42 -39.08 -19.17
C ARG A 823 2.21 -39.27 -17.88
N PRO A 824 3.40 -38.70 -17.77
CA PRO A 824 4.21 -38.88 -16.57
C PRO A 824 3.60 -38.15 -15.39
N PRO A 825 3.57 -38.77 -14.21
CA PRO A 825 3.06 -38.08 -13.02
C PRO A 825 4.03 -37.03 -12.52
N LEU A 826 3.63 -36.28 -11.49
CA LEU A 826 4.52 -35.26 -10.94
C LEU A 826 5.78 -35.88 -10.35
N ILE A 827 5.70 -37.12 -9.88
CA ILE A 827 6.88 -37.77 -9.33
C ILE A 827 7.98 -37.86 -10.38
N GLU A 828 7.64 -38.35 -11.57
CA GLU A 828 8.66 -38.58 -12.59
C GLU A 828 9.20 -37.26 -13.12
N ILE A 829 8.32 -36.28 -13.33
CA ILE A 829 8.76 -34.97 -13.84
C ILE A 829 9.68 -34.30 -12.84
N VAL A 830 9.29 -34.29 -11.56
CA VAL A 830 10.10 -33.65 -10.54
C VAL A 830 11.44 -34.35 -10.39
N LYS A 831 11.42 -35.68 -10.38
CA LYS A 831 12.68 -36.42 -10.27
C LYS A 831 13.59 -36.15 -11.46
N THR A 832 13.02 -36.11 -12.67
CA THR A 832 13.82 -35.83 -13.85
C THR A 832 14.44 -34.45 -13.79
N VAL A 833 13.67 -33.44 -13.42
CA VAL A 833 14.18 -32.08 -13.37
C VAL A 833 15.24 -31.95 -12.27
N LEU A 834 14.99 -32.54 -11.10
CA LEU A 834 15.95 -32.47 -10.01
C LEU A 834 17.25 -33.19 -10.37
N LYS A 835 17.14 -34.35 -11.03
CA LYS A 835 18.33 -35.07 -11.46
C LYS A 835 19.11 -34.26 -12.50
N ASP A 836 18.41 -33.60 -13.42
CA ASP A 836 19.09 -32.75 -14.39
C ASP A 836 19.80 -31.59 -13.70
N ALA A 837 19.16 -31.00 -12.69
CA ALA A 837 19.76 -29.88 -11.98
C ALA A 837 21.00 -30.31 -11.21
N VAL A 838 20.89 -31.40 -10.45
CA VAL A 838 22.01 -31.83 -9.61
C VAL A 838 23.15 -32.38 -10.46
N VAL A 839 22.85 -33.25 -11.42
CA VAL A 839 23.89 -33.86 -12.23
C VAL A 839 24.57 -32.82 -13.12
N ASN A 840 23.78 -32.03 -13.83
CA ASN A 840 24.32 -30.95 -14.66
C ASN A 840 24.45 -29.71 -13.80
N MET A 841 25.49 -29.69 -12.97
CA MET A 841 25.66 -28.61 -12.01
C MET A 841 26.15 -27.33 -12.67
N LYS A 842 26.84 -27.45 -13.81
CA LYS A 842 27.44 -26.29 -14.45
C LYS A 842 26.40 -25.28 -14.94
N GLN A 843 25.15 -25.69 -15.09
CA GLN A 843 24.12 -24.77 -15.58
C GLN A 843 23.83 -23.64 -14.59
N TRP A 844 24.24 -23.78 -13.34
CA TRP A 844 23.98 -22.79 -12.31
C TRP A 844 25.21 -21.91 -12.13
N ASN A 845 25.01 -20.60 -12.27
CA ASN A 845 26.08 -19.62 -12.10
C ASN A 845 25.85 -18.87 -10.79
N PHE A 846 26.75 -17.91 -10.51
CA PHE A 846 26.71 -17.20 -9.24
C PHE A 846 25.41 -16.40 -9.11
N GLU A 847 24.95 -15.78 -10.20
CA GLU A 847 23.75 -14.95 -10.14
C GLU A 847 22.51 -15.74 -9.75
N ASP A 848 22.55 -17.07 -9.88
CA ASP A 848 21.40 -17.90 -9.54
C ASP A 848 21.25 -18.13 -8.04
N PHE A 849 22.22 -17.73 -7.22
CA PHE A 849 22.24 -18.11 -5.82
C PHE A 849 22.05 -16.94 -4.86
N ILE A 850 21.96 -15.71 -5.34
CA ILE A 850 21.75 -14.58 -4.44
C ILE A 850 20.36 -14.66 -3.83
N GLN A 851 20.31 -14.63 -2.50
CA GLN A 851 19.10 -14.46 -1.73
C GLN A 851 19.02 -13.04 -1.20
N THR A 852 17.83 -12.62 -0.81
CA THR A 852 17.60 -11.29 -0.29
C THR A 852 16.85 -11.39 1.03
N ASP A 853 17.34 -10.69 2.05
CA ASP A 853 16.72 -10.72 3.37
C ASP A 853 16.65 -9.31 3.94
N ALA A 854 15.65 -9.08 4.78
CA ALA A 854 15.43 -7.78 5.41
C ALA A 854 16.02 -7.79 6.81
N TRP A 855 16.93 -6.84 7.06
CA TRP A 855 17.53 -6.68 8.37
C TRP A 855 16.62 -5.89 9.30
N ARG A 856 16.04 -6.58 10.27
CA ARG A 856 15.20 -5.97 11.30
C ARG A 856 15.86 -6.20 12.65
N PRO A 857 16.54 -5.21 13.22
CA PRO A 857 17.22 -5.43 14.51
C PRO A 857 16.28 -5.86 15.63
N ASP A 858 15.04 -5.36 15.64
CA ASP A 858 14.10 -5.71 16.69
C ASP A 858 13.54 -7.12 16.53
N LYS A 859 13.79 -7.77 15.40
CA LYS A 859 13.33 -9.13 15.16
C LYS A 859 14.49 -10.10 15.32
N ASP A 860 14.28 -11.17 16.09
CA ASP A 860 15.35 -12.11 16.39
C ASP A 860 15.38 -13.22 15.34
N ASN A 861 15.64 -12.81 14.10
CA ASN A 861 15.89 -13.75 13.01
C ASN A 861 17.30 -14.29 13.20
N LYS A 862 17.40 -15.50 13.76
CA LYS A 862 18.68 -15.96 14.30
C LYS A 862 19.75 -16.07 13.22
N ALA A 863 19.40 -16.55 12.03
CA ALA A 863 20.40 -16.75 10.99
C ALA A 863 21.05 -15.43 10.58
N VAL A 864 20.23 -14.43 10.23
CA VAL A 864 20.79 -13.16 9.81
C VAL A 864 21.43 -12.43 10.98
N GLN A 865 20.86 -12.56 12.19
CA GLN A 865 21.47 -11.96 13.37
C GLN A 865 22.89 -12.48 13.56
N ILE A 866 23.08 -13.80 13.43
CA ILE A 866 24.41 -14.39 13.58
C ILE A 866 25.32 -13.96 12.43
N PHE A 867 24.78 -13.97 11.20
CA PHE A 867 25.56 -13.54 10.04
C PHE A 867 26.12 -12.15 10.26
N MET A 868 25.29 -11.22 10.70
CA MET A 868 25.79 -9.86 10.81
C MET A 868 26.49 -9.61 12.14
N SER A 869 26.32 -10.49 13.14
CA SER A 869 27.20 -10.46 14.31
C SER A 869 28.61 -10.82 13.91
N ARG A 870 28.75 -11.85 13.06
CA ARG A 870 30.05 -12.18 12.48
C ARG A 870 30.60 -11.01 11.67
N MET A 871 29.74 -10.35 10.90
CA MET A 871 30.20 -9.20 10.12
C MET A 871 30.62 -8.03 11.01
N HIS A 872 29.90 -7.80 12.10
CA HIS A 872 30.32 -6.76 13.04
C HIS A 872 31.66 -7.10 13.68
N ALA A 873 31.86 -8.37 14.04
CA ALA A 873 33.16 -8.78 14.59
C ALA A 873 34.26 -8.60 13.55
N ARG A 874 33.99 -8.94 12.30
CA ARG A 874 34.98 -8.75 11.24
C ARG A 874 35.28 -7.28 11.02
N ARG A 875 34.25 -6.43 11.08
CA ARG A 875 34.47 -4.99 10.97
C ARG A 875 35.33 -4.48 12.10
N GLU A 876 35.07 -4.95 13.33
CA GLU A 876 35.91 -4.56 14.46
C GLU A 876 37.36 -5.00 14.23
N GLN A 877 37.56 -6.22 13.75
CA GLN A 877 38.90 -6.70 13.51
C GLN A 877 39.62 -5.87 12.44
N LEU A 878 38.91 -5.53 11.35
CA LEU A 878 39.53 -4.72 10.31
C LEU A 878 39.84 -3.31 10.80
N LYS A 879 38.94 -2.70 11.58
CA LYS A 879 39.24 -1.37 12.12
C LYS A 879 40.43 -1.42 13.08
N LYS A 880 40.54 -2.50 13.86
CA LYS A 880 41.73 -2.70 14.69
C LYS A 880 42.98 -2.80 13.81
N HIS A 881 42.88 -3.53 12.71
CA HIS A 881 43.97 -3.59 11.74
C HIS A 881 44.19 -2.27 11.03
N GLY A 882 43.20 -1.37 11.06
CA GLY A 882 43.31 -0.09 10.40
C GLY A 882 42.86 -0.06 8.96
N ALA A 883 42.42 -1.19 8.41
CA ALA A 883 41.95 -1.24 7.03
C ALA A 883 40.49 -0.82 6.94
N ALA A 884 40.08 -0.42 5.75
CA ALA A 884 38.71 0.00 5.53
C ALA A 884 37.74 -1.17 5.65
N ALA A 885 36.60 -0.93 6.30
CA ALA A 885 35.58 -1.95 6.48
C ALA A 885 34.22 -1.49 5.96
N SER A 886 34.21 -0.54 5.02
CA SER A 886 32.94 -0.06 4.47
C SER A 886 32.25 -1.12 3.64
N GLN A 887 33.01 -1.99 2.98
CA GLN A 887 32.42 -3.06 2.17
C GLN A 887 31.65 -4.07 3.01
N PHE A 888 31.93 -4.13 4.32
CA PHE A 888 31.24 -5.04 5.23
C PHE A 888 30.28 -4.28 6.15
N ALA A 889 29.90 -3.06 5.77
CA ALA A 889 29.12 -2.21 6.64
C ALA A 889 27.71 -2.74 6.83
N GLU A 890 27.15 -2.47 8.00
CA GLU A 890 25.78 -2.86 8.31
C GLU A 890 24.80 -2.04 7.45
N PRO A 891 23.88 -2.69 6.73
CA PRO A 891 22.85 -1.95 6.03
C PRO A 891 21.93 -1.24 7.02
N GLU A 892 21.40 -0.10 6.57
CA GLU A 892 20.52 0.66 7.44
C GLU A 892 19.26 -0.15 7.75
N PRO A 893 18.73 -0.05 8.97
CA PRO A 893 17.65 -0.93 9.40
C PRO A 893 16.42 -0.80 8.50
N GLY A 894 15.90 -1.95 8.07
CA GLY A 894 14.68 -1.99 7.29
C GLY A 894 14.88 -2.43 5.86
N GLU A 895 15.94 -1.96 5.21
CA GLU A 895 16.16 -2.28 3.81
C GLU A 895 16.58 -3.73 3.66
N ARG A 896 16.47 -4.23 2.44
CA ARG A 896 16.85 -5.60 2.17
C ARG A 896 18.22 -5.65 1.61
N PHE A 897 18.96 -6.65 1.98
CA PHE A 897 20.32 -6.86 1.51
C PHE A 897 20.43 -8.22 0.83
N SER A 898 21.38 -8.31 -0.09
CA SER A 898 21.65 -9.53 -0.82
C SER A 898 22.79 -10.30 -0.17
N TYR A 899 22.70 -11.63 -0.23
CA TYR A 899 23.71 -12.49 0.37
C TYR A 899 23.70 -13.84 -0.32
N VAL A 900 24.77 -14.60 -0.10
CA VAL A 900 24.91 -15.95 -0.64
C VAL A 900 25.42 -16.88 0.44
N ILE A 901 25.15 -18.17 0.25
CA ILE A 901 25.62 -19.21 1.16
C ILE A 901 26.91 -19.79 0.60
N VAL A 902 27.94 -19.83 1.43
CA VAL A 902 29.27 -20.23 0.99
C VAL A 902 29.66 -21.53 1.67
N GLU A 903 30.64 -22.21 1.07
CA GLU A 903 31.19 -23.45 1.62
C GLU A 903 32.19 -23.09 2.71
N LYS A 904 31.72 -23.10 3.93
CA LYS A 904 32.60 -22.90 5.06
C LYS A 904 33.43 -24.16 5.31
N GLN A 905 34.73 -24.08 5.06
CA GLN A 905 35.58 -25.26 5.19
C GLN A 905 35.46 -25.91 6.57
N VAL A 906 35.43 -27.24 6.61
CA VAL A 906 35.34 -27.96 7.88
C VAL A 906 36.69 -27.93 8.56
N GLN A 907 36.79 -27.33 9.74
CA GLN A 907 38.05 -27.33 10.47
C GLN A 907 37.95 -28.19 11.75
N PHE A 908 37.69 -29.48 11.56
CA PHE A 908 37.58 -30.39 12.69
C PHE A 908 38.72 -30.17 13.68
N THR A 915 32.51 -26.41 16.62
CA THR A 915 33.26 -25.33 15.99
C THR A 915 32.55 -24.83 14.74
N ASP A 916 32.88 -25.43 13.60
CA ASP A 916 32.25 -25.02 12.33
C ASP A 916 30.80 -25.55 12.27
N SER A 917 29.86 -24.98 13.09
CA SER A 917 28.44 -25.33 13.01
C SER A 917 27.93 -25.26 11.59
N SER A 918 26.89 -26.03 11.29
CA SER A 918 26.31 -26.01 9.97
C SER A 918 25.26 -24.96 9.89
N ARG A 919 25.37 -24.00 10.78
CA ARG A 919 24.37 -23.02 10.83
C ARG A 919 24.38 -22.20 9.58
N LYS A 920 23.24 -21.86 9.09
CA LYS A 920 23.14 -20.91 7.99
C LYS A 920 23.72 -19.55 8.35
N GLY A 921 23.67 -19.18 9.63
CA GLY A 921 24.19 -17.89 10.04
C GLY A 921 25.69 -17.75 9.78
N ASP A 922 26.44 -18.81 10.02
CA ASP A 922 27.88 -18.77 9.78
C ASP A 922 28.24 -18.89 8.30
N LYS A 923 27.29 -19.24 7.44
CA LYS A 923 27.57 -19.43 6.02
C LYS A 923 27.13 -18.26 5.15
N MET A 924 26.28 -17.37 5.66
CA MET A 924 25.85 -16.23 4.86
C MET A 924 27.01 -15.26 4.68
N GLU A 925 27.13 -14.71 3.46
CA GLU A 925 28.15 -13.72 3.15
C GLU A 925 27.55 -12.70 2.19
N TYR A 926 28.02 -11.47 2.27
CA TYR A 926 27.58 -10.46 1.32
C TYR A 926 28.08 -10.81 -0.08
N VAL A 927 27.29 -10.44 -1.08
CA VAL A 927 27.61 -10.79 -2.47
C VAL A 927 28.91 -10.12 -2.90
N SER A 928 29.20 -8.93 -2.37
CA SER A 928 30.34 -8.16 -2.84
C SER A 928 31.66 -8.91 -2.61
N GLU A 929 31.90 -9.35 -1.38
CA GLU A 929 33.16 -10.05 -1.10
C GLU A 929 33.14 -11.47 -1.66
N ALA A 930 31.98 -12.10 -1.75
CA ALA A 930 31.90 -13.41 -2.36
C ALA A 930 32.34 -13.36 -3.82
N LYS A 931 31.92 -12.33 -4.54
CA LYS A 931 32.45 -12.11 -5.89
C LYS A 931 33.91 -11.70 -5.85
N ALA A 932 34.29 -10.89 -4.85
CA ALA A 932 35.67 -10.39 -4.79
C ALA A 932 36.65 -11.50 -4.47
N LYS A 933 36.36 -12.31 -3.44
CA LYS A 933 37.27 -13.35 -2.99
C LYS A 933 36.94 -14.72 -3.58
N ASN A 934 35.99 -14.79 -4.51
CA ASN A 934 35.65 -16.03 -5.21
C ASN A 934 35.29 -17.15 -4.23
N LEU A 935 34.49 -16.82 -3.23
CA LEU A 935 34.08 -17.82 -2.25
C LEU A 935 33.19 -18.86 -2.92
N PRO A 936 33.48 -20.16 -2.77
CA PRO A 936 32.62 -21.18 -3.37
C PRO A 936 31.23 -21.16 -2.75
N ILE A 937 30.25 -21.51 -3.58
CA ILE A 937 28.84 -21.52 -3.17
C ILE A 937 28.49 -22.93 -2.74
N ASP A 938 27.92 -23.06 -1.54
CA ASP A 938 27.47 -24.35 -1.03
C ASP A 938 26.18 -24.71 -1.76
N ILE A 939 26.33 -25.31 -2.94
CA ILE A 939 25.17 -25.60 -3.78
C ILE A 939 24.30 -26.67 -3.13
N LEU A 940 24.91 -27.68 -2.50
CA LEU A 940 24.12 -28.75 -1.88
C LEU A 940 23.25 -28.22 -0.75
N PHE A 941 23.78 -27.26 0.03
CA PHE A 941 22.98 -26.58 1.04
C PHE A 941 21.75 -25.94 0.40
N TYR A 942 21.96 -25.17 -0.66
CA TYR A 942 20.86 -24.53 -1.37
C TYR A 942 19.84 -25.56 -1.82
N ILE A 943 20.31 -26.63 -2.46
CA ILE A 943 19.42 -27.68 -2.95
C ILE A 943 18.57 -28.21 -1.81
N ASN A 944 19.22 -28.83 -0.82
CA ASN A 944 18.56 -29.56 0.25
C ASN A 944 17.68 -28.68 1.12
N ASN A 945 17.94 -27.38 1.19
CA ASN A 945 17.13 -26.54 2.06
C ASN A 945 16.07 -25.73 1.34
N TYR A 946 16.20 -25.52 0.03
CA TYR A 946 15.16 -24.76 -0.65
C TYR A 946 14.48 -25.55 -1.76
N VAL A 947 15.25 -26.07 -2.71
CA VAL A 947 14.56 -26.62 -3.88
C VAL A 947 14.05 -28.02 -3.58
N LEU A 948 14.73 -28.71 -2.66
CA LEU A 948 14.26 -30.03 -2.25
C LEU A 948 12.91 -29.92 -1.56
N GLY A 949 12.76 -28.94 -0.67
CA GLY A 949 11.47 -28.71 -0.04
C GLY A 949 10.42 -28.21 -1.01
N LEU A 950 10.82 -27.39 -1.99
CA LEU A 950 9.89 -26.96 -3.01
C LEU A 950 9.35 -28.14 -3.81
N CYS A 951 10.24 -29.05 -4.21
CA CYS A 951 9.81 -30.22 -4.98
C CYS A 951 8.98 -31.17 -4.15
N ALA A 952 9.26 -31.26 -2.84
CA ALA A 952 8.45 -32.10 -1.97
C ALA A 952 6.98 -31.68 -1.97
N ARG A 953 6.72 -30.37 -2.05
CA ARG A 953 5.34 -29.90 -2.13
C ARG A 953 4.68 -30.37 -3.42
N PHE A 954 5.42 -30.34 -4.53
CA PHE A 954 4.87 -30.86 -5.78
C PHE A 954 4.55 -32.34 -5.68
N ILE A 955 5.42 -33.13 -5.05
CA ILE A 955 5.30 -34.58 -5.09
C ILE A 955 4.54 -35.15 -3.89
N ASN A 956 4.06 -34.31 -2.98
CA ASN A 956 3.52 -34.83 -1.73
C ASN A 956 2.21 -35.58 -1.90
N GLU A 957 1.60 -35.54 -3.09
CA GLU A 957 0.28 -36.13 -3.28
C GLU A 957 0.30 -37.64 -3.45
N ASN A 958 1.48 -38.26 -3.58
CA ASN A 958 1.53 -39.69 -3.82
C ASN A 958 1.05 -40.51 -2.62
N GLU A 959 0.64 -41.74 -2.91
CA GLU A 959 0.12 -42.62 -1.87
C GLU A 959 1.22 -43.05 -0.90
N GLU A 960 2.44 -43.27 -1.40
CA GLU A 960 3.51 -43.78 -0.55
C GLU A 960 3.86 -42.80 0.56
N PHE A 961 3.70 -41.50 0.32
CA PHE A 961 3.97 -40.49 1.34
C PHE A 961 2.76 -40.25 2.25
N GLN A 962 1.61 -40.85 1.95
CA GLN A 962 0.42 -40.60 2.76
C GLN A 962 0.56 -41.29 4.11
N PRO A 963 0.12 -40.65 5.19
CA PRO A 963 0.22 -41.25 6.51
C PRO A 963 -0.93 -42.20 6.77
N PRO A 964 -0.83 -43.03 7.81
CA PRO A 964 -2.01 -43.80 8.25
C PRO A 964 -3.09 -42.87 8.75
N ASP A 965 -4.32 -43.39 8.75
CA ASP A 965 -5.49 -42.58 9.05
C ASP A 965 -5.47 -42.00 10.45
N ASN A 966 -4.67 -42.57 11.37
CA ASN A 966 -4.63 -42.04 12.73
C ASN A 966 -3.94 -40.68 12.81
N VAL A 967 -3.13 -40.32 11.82
CA VAL A 967 -2.40 -39.06 11.85
C VAL A 967 -3.35 -37.92 11.54
N SER A 968 -3.40 -36.93 12.44
CA SER A 968 -4.31 -35.80 12.25
C SER A 968 -3.83 -34.88 11.13
N ASN A 969 -2.54 -34.56 11.12
CA ASN A 969 -1.99 -33.63 10.13
C ASN A 969 -1.41 -34.43 8.98
N LYS A 970 -2.29 -34.85 8.07
CA LYS A 970 -1.86 -35.64 6.92
C LYS A 970 -0.96 -34.83 6.00
N ASP A 971 -1.27 -33.56 5.80
CA ASP A 971 -0.49 -32.74 4.88
C ASP A 971 0.95 -32.58 5.35
N GLU A 972 1.15 -32.27 6.63
CA GLU A 972 2.49 -32.08 7.15
C GLU A 972 3.29 -33.38 7.11
N TYR A 973 2.65 -34.50 7.49
CA TYR A 973 3.33 -35.79 7.42
C TYR A 973 3.74 -36.14 6.00
N ALA A 974 2.82 -35.94 5.04
CA ALA A 974 3.15 -36.22 3.66
C ALA A 974 4.27 -35.33 3.15
N GLN A 975 4.25 -34.04 3.55
CA GLN A 975 5.31 -33.14 3.14
C GLN A 975 6.66 -33.58 3.69
N ARG A 976 6.71 -33.96 4.97
CA ARG A 976 7.97 -34.42 5.55
C ARG A 976 8.45 -35.71 4.91
N ARG A 977 7.53 -36.64 4.63
CA ARG A 977 7.92 -37.89 4.00
C ARG A 977 8.43 -37.65 2.58
N ALA A 978 7.78 -36.76 1.83
CA ALA A 978 8.28 -36.40 0.50
C ALA A 978 9.64 -35.74 0.59
N LYS A 979 9.84 -34.89 1.60
CA LYS A 979 11.14 -34.27 1.83
C LYS A 979 12.22 -35.32 2.04
N SER A 980 11.94 -36.31 2.90
CA SER A 980 12.92 -37.36 3.18
C SER A 980 13.18 -38.21 1.94
N TYR A 981 12.14 -38.56 1.19
CA TYR A 981 12.31 -39.38 0.00
C TYR A 981 13.13 -38.64 -1.05
N LEU A 982 12.84 -37.35 -1.27
CA LEU A 982 13.59 -36.58 -2.24
C LEU A 982 15.03 -36.38 -1.78
N GLN A 983 15.24 -36.22 -0.47
CA GLN A 983 16.60 -36.16 0.04
C GLN A 983 17.35 -37.43 -0.31
N LYS A 984 16.77 -38.60 0.01
CA LYS A 984 17.44 -39.86 -0.27
C LYS A 984 17.72 -40.02 -1.76
N PHE A 985 16.77 -39.58 -2.60
CA PHE A 985 17.00 -39.57 -4.04
C PHE A 985 18.20 -38.71 -4.39
N VAL A 986 18.35 -37.56 -3.72
CA VAL A 986 19.46 -36.65 -4.01
C VAL A 986 20.79 -37.31 -3.66
N GLN A 987 20.90 -37.87 -2.46
CA GLN A 987 22.17 -38.54 -2.13
C GLN A 987 22.41 -39.77 -3.01
N SER A 988 21.35 -40.41 -3.49
CA SER A 988 21.55 -41.54 -4.39
C SER A 988 22.10 -41.08 -5.74
N ILE A 989 21.60 -39.97 -6.27
CA ILE A 989 22.03 -39.53 -7.59
C ILE A 989 23.29 -38.67 -7.56
N HIS A 990 23.57 -38.00 -6.43
CA HIS A 990 24.71 -37.10 -6.37
C HIS A 990 25.96 -37.89 -5.99
N PRO A 991 26.99 -37.91 -6.84
CA PRO A 991 28.22 -38.65 -6.49
C PRO A 991 28.99 -37.98 -5.36
N LYS A 992 29.05 -38.66 -4.21
CA LYS A 992 29.79 -38.13 -3.07
C LYS A 992 31.07 -38.93 -2.82
#